data_8SXE
#
_entry.id   8SXE
#
_cell.length_a   1.00
_cell.length_b   1.00
_cell.length_c   1.00
_cell.angle_alpha   90.00
_cell.angle_beta   90.00
_cell.angle_gamma   90.00
#
_symmetry.space_group_name_H-M   'P 1'
#
loop_
_entity.id
_entity.type
_entity.pdbx_description
1 polymer 'Probable carboxyl-terminal protease'
2 polymer 'TPR repeat-containing protein PA4667'
3 polymer 'unidentified peptide'
#
loop_
_entity_poly.entity_id
_entity_poly.type
_entity_poly.pdbx_seq_one_letter_code
_entity_poly.pdbx_strand_id
1 'polypeptide(L)'
;GSHMSAPLPLDELRTFAEVLDRVKAAYVEPVDDKTLLENAIKGMLSNLDPHSAYLGPEDFAELQESTSGEFGGLGIEVGS
EDGFIKVVSPIDDTPAARAGIQPGDLIVQIDGKPTKGQSMTEAVDSMRGKAGSPITLTIVRDGGRPFDVELKRAIIKVKS
VKSQVLEPGYAYLRITQFQVNTGEEVVKALNQLRKDNKGRLKGLVLDLRNNPGGVLQSAVEVADAFLTKGLIVYTKGRIA
NSELRFSADPADPSDKVPLVVLINGGSAAAAEIVAGALQDQKRAILMGTDSFGKGSVQTVLPLNNDRALKLTTALYYTPN
GRSIQAQGIVPDIEVGRAKVTQERSSFEGFKEADLQGHLANGNGGADRPTGKRAAPSERPQDSDYQLSQALSLLKGLSVT
RGN
;
A,B,E,F
2 'polypeptide(L)'
;MEDTAVETKAKPEKYGSFSEDSLYSLLVAELAGQRNRFDIALSNYVVQAQKTRDPGVSERAFRIAEYLGADQEALDTSLL
WARSAPDNLDAQRAAAIQLARAGRYEESMVYMEKVLNGQGDTHFDFLALSAAETDPDTRAGLLQSFDHLLKKYPNNGQLL
FGKALLLQQDGRPDEALTLLEDNSASRHEVAPLLLRSRLLQSMKRSDEALPLLKAGIKEHPDDKRVRLAYARLLVEQNRL
DDAKAEFAGLVQQFPDDDDLRFSLALVCLEAQAWDEARIYLEELVERDSHVDAAHFNLGRLAEEQKDTARALDEYAQVGP
GNDFLPAQLRQTDVLLKAGRVDEAAQRLDKARSEQPDYAIQLYLIEAEALSNNDQQEKAWQAIQEGLKQYPEDLNLLYTR
SMLAEKRNDLAQMEKDLRFVIAREPDNAMALNALGYTLADRTTRYGEARELILKAHKLNPDDPAILDSMGWINYRQGKLA
DAERYLRQALQRYPDHEVAAHLGEVLWAQGRQGDARAIWREYLDKQPDSDVLRRTIKRLTGAETP
;
C
3 'polypeptide(L)' (UNK)(UNK)(UNK)(UNK)(UNK)(UNK)(UNK) D
#
# COMPACT_ATOMS: atom_id res chain seq x y z
N SER A 5 27.61 28.50 -4.65
CA SER A 5 28.97 28.00 -4.47
C SER A 5 28.98 26.51 -4.16
N ALA A 6 27.80 25.88 -4.23
CA ALA A 6 27.70 24.45 -3.94
C ALA A 6 28.25 23.64 -5.11
N PRO A 7 29.25 22.79 -4.91
CA PRO A 7 29.78 22.00 -6.02
C PRO A 7 28.80 20.93 -6.46
N LEU A 8 28.92 20.56 -7.74
CA LEU A 8 28.08 19.50 -8.27
C LEU A 8 28.50 18.15 -7.68
N PRO A 9 27.58 17.18 -7.60
CA PRO A 9 27.95 15.85 -7.08
C PRO A 9 28.71 15.03 -8.10
N LEU A 10 29.96 15.45 -8.35
CA LEU A 10 30.75 14.85 -9.41
C LEU A 10 30.98 13.36 -9.17
N ASP A 11 31.48 13.02 -7.98
CA ASP A 11 31.79 11.62 -7.69
C ASP A 11 30.53 10.78 -7.66
N GLU A 12 29.44 11.30 -7.08
CA GLU A 12 28.21 10.54 -7.03
C GLU A 12 27.66 10.27 -8.42
N LEU A 13 27.71 11.27 -9.30
CA LEU A 13 27.29 11.06 -10.69
C LEU A 13 28.21 10.07 -11.39
N ARG A 14 29.50 10.07 -11.06
CA ARG A 14 30.40 9.06 -11.59
C ARG A 14 29.93 7.66 -11.20
N THR A 15 29.59 7.48 -9.92
CA THR A 15 29.11 6.18 -9.48
C THR A 15 27.81 5.80 -10.16
N PHE A 16 26.90 6.77 -10.34
CA PHE A 16 25.65 6.51 -11.03
C PHE A 16 25.90 6.06 -12.46
N ALA A 17 26.79 6.75 -13.17
CA ALA A 17 27.09 6.38 -14.54
C ALA A 17 27.69 4.99 -14.62
N GLU A 18 28.61 4.67 -13.71
CA GLU A 18 29.20 3.33 -13.69
C GLU A 18 28.13 2.27 -13.43
N VAL A 19 27.22 2.55 -12.49
CA VAL A 19 26.18 1.59 -12.16
C VAL A 19 25.27 1.36 -13.36
N LEU A 20 24.87 2.44 -14.04
CA LEU A 20 24.01 2.29 -15.20
C LEU A 20 24.71 1.52 -16.32
N ASP A 21 25.99 1.81 -16.54
CA ASP A 21 26.75 1.09 -17.56
C ASP A 21 26.79 -0.41 -17.26
N ARG A 22 27.11 -0.76 -16.01
CA ARG A 22 27.17 -2.18 -15.66
C ARG A 22 25.80 -2.83 -15.77
N VAL A 23 24.75 -2.14 -15.33
CA VAL A 23 23.40 -2.71 -15.38
C VAL A 23 23.00 -2.96 -16.82
N LYS A 24 23.35 -2.05 -17.73
CA LYS A 24 23.00 -2.25 -19.13
C LYS A 24 23.88 -3.30 -19.80
N ALA A 25 25.11 -3.48 -19.36
CA ALA A 25 26.04 -4.41 -19.99
C ALA A 25 26.10 -5.77 -19.33
N ALA A 26 25.29 -6.01 -18.29
CA ALA A 26 25.32 -7.29 -17.59
C ALA A 26 23.95 -7.95 -17.54
N TYR A 27 22.89 -7.15 -17.44
CA TYR A 27 21.55 -7.72 -17.33
C TYR A 27 21.23 -8.56 -18.56
N VAL A 28 20.58 -9.71 -18.32
CA VAL A 28 20.42 -10.71 -19.37
C VAL A 28 19.60 -10.16 -20.53
N GLU A 29 18.46 -9.55 -20.22
CA GLU A 29 17.59 -9.06 -21.29
C GLU A 29 18.12 -7.73 -21.81
N PRO A 30 18.31 -7.57 -23.12
CA PRO A 30 18.74 -6.26 -23.64
C PRO A 30 17.77 -5.16 -23.24
N VAL A 31 18.24 -4.23 -22.41
CA VAL A 31 17.39 -3.16 -21.87
C VAL A 31 17.97 -1.83 -22.33
N ASP A 32 17.13 -1.02 -22.96
CA ASP A 32 17.56 0.25 -23.50
C ASP A 32 17.68 1.30 -22.40
N ASP A 33 18.35 2.41 -22.75
CA ASP A 33 18.64 3.43 -21.75
C ASP A 33 17.37 4.05 -21.19
N LYS A 34 16.41 4.39 -22.06
CA LYS A 34 15.21 5.09 -21.60
C LYS A 34 14.52 4.34 -20.47
N THR A 35 14.45 3.01 -20.57
CA THR A 35 13.81 2.23 -19.51
C THR A 35 14.54 2.40 -18.19
N LEU A 36 15.88 2.37 -18.23
CA LEU A 36 16.65 2.48 -17.00
C LEU A 36 16.54 3.88 -16.41
N LEU A 37 16.52 4.91 -17.26
CA LEU A 37 16.34 6.27 -16.75
C LEU A 37 14.97 6.44 -16.10
N GLU A 38 13.92 5.91 -16.73
CA GLU A 38 12.60 5.98 -16.13
C GLU A 38 12.55 5.24 -14.80
N ASN A 39 13.19 4.07 -14.75
CA ASN A 39 13.25 3.32 -13.50
C ASN A 39 13.99 4.11 -12.43
N ALA A 40 15.07 4.80 -12.80
CA ALA A 40 15.81 5.61 -11.83
C ALA A 40 14.96 6.75 -11.31
N ILE A 41 14.19 7.40 -12.18
CA ILE A 41 13.30 8.47 -11.73
C ILE A 41 12.27 7.92 -10.77
N LYS A 42 11.62 6.81 -11.14
CA LYS A 42 10.66 6.17 -10.24
C LYS A 42 11.31 5.85 -8.90
N GLY A 43 12.55 5.38 -8.93
CA GLY A 43 13.21 4.99 -7.70
C GLY A 43 13.50 6.16 -6.78
N MET A 44 14.09 7.22 -7.34
CA MET A 44 14.44 8.36 -6.51
C MET A 44 13.21 9.15 -6.09
N LEU A 45 12.06 8.92 -6.72
CA LEU A 45 10.82 9.50 -6.20
C LEU A 45 10.21 8.63 -5.11
N SER A 46 10.20 7.30 -5.30
CA SER A 46 9.52 6.41 -4.37
C SER A 46 10.32 6.18 -3.09
N ASN A 47 11.64 6.25 -3.14
CA ASN A 47 12.46 5.86 -2.00
C ASN A 47 12.62 6.96 -0.96
N LEU A 48 12.06 8.15 -1.19
CA LEU A 48 12.16 9.22 -0.20
C LEU A 48 11.20 8.99 0.95
N ASP A 49 9.90 8.97 0.66
CA ASP A 49 8.87 8.65 1.63
C ASP A 49 7.82 7.80 0.93
N PRO A 50 7.06 7.00 1.68
CA PRO A 50 6.17 6.02 1.03
C PRO A 50 5.17 6.65 0.06
N HIS A 51 4.64 7.82 0.40
CA HIS A 51 3.53 8.37 -0.38
C HIS A 51 4.01 9.05 -1.67
N SER A 52 5.20 9.64 -1.67
CA SER A 52 5.73 10.21 -2.90
C SER A 52 5.93 9.12 -3.93
N ALA A 53 5.59 9.42 -5.18
CA ALA A 53 5.67 8.43 -6.23
C ALA A 53 5.76 9.13 -7.58
N TYR A 54 6.12 8.36 -8.60
CA TYR A 54 6.20 8.83 -9.98
C TYR A 54 5.01 8.26 -10.74
N LEU A 55 4.17 9.13 -11.29
CA LEU A 55 2.96 8.72 -11.98
C LEU A 55 3.20 8.74 -13.48
N GLY A 56 3.06 7.58 -14.13
CA GLY A 56 3.22 7.48 -15.55
C GLY A 56 1.98 7.97 -16.28
N PRO A 57 1.89 7.68 -17.58
CA PRO A 57 0.72 8.13 -18.36
C PRO A 57 -0.59 7.55 -17.82
N GLU A 58 -0.66 6.22 -17.75
CA GLU A 58 -1.89 5.59 -17.29
C GLU A 58 -2.18 5.90 -15.83
N ASP A 59 -1.15 5.90 -14.98
CA ASP A 59 -1.36 6.22 -13.58
C ASP A 59 -1.82 7.66 -13.40
N PHE A 60 -1.20 8.60 -14.13
CA PHE A 60 -1.63 9.98 -14.05
C PHE A 60 -3.07 10.13 -14.53
N ALA A 61 -3.42 9.44 -15.62
CA ALA A 61 -4.78 9.55 -16.15
C ALA A 61 -5.79 9.01 -15.15
N GLU A 62 -5.51 7.85 -14.53
CA GLU A 62 -6.47 7.29 -13.59
C GLU A 62 -6.54 8.11 -12.31
N LEU A 63 -5.43 8.71 -11.87
CA LEU A 63 -5.49 9.61 -10.73
C LEU A 63 -6.32 10.85 -11.06
N GLN A 64 -6.17 11.37 -12.28
CA GLN A 64 -6.99 12.49 -12.70
C GLN A 64 -8.47 12.12 -12.72
N GLU A 65 -8.79 10.90 -13.16
CA GLU A 65 -10.17 10.42 -13.10
C GLU A 65 -10.63 10.28 -11.66
N SER A 66 -9.71 9.96 -10.74
CA SER A 66 -10.08 9.80 -9.34
C SER A 66 -10.41 11.14 -8.69
N THR A 67 -9.46 12.08 -8.72
CA THR A 67 -9.65 13.35 -8.03
C THR A 67 -10.76 14.21 -8.64
N SER A 68 -11.22 13.88 -9.84
CA SER A 68 -12.38 14.54 -10.44
C SER A 68 -13.44 13.48 -10.68
N GLY A 69 -14.65 13.72 -10.15
CA GLY A 69 -15.67 12.69 -10.18
C GLY A 69 -15.99 12.21 -11.58
N GLU A 70 -16.11 13.13 -12.53
CA GLU A 70 -16.49 12.78 -13.89
C GLU A 70 -15.48 11.82 -14.50
N PHE A 71 -15.97 10.74 -15.09
CA PHE A 71 -15.10 9.83 -15.81
C PHE A 71 -15.92 9.09 -16.87
N GLY A 72 -15.23 8.55 -17.87
CA GLY A 72 -15.90 7.87 -18.96
C GLY A 72 -16.36 6.48 -18.54
N GLY A 73 -17.63 6.19 -18.73
CA GLY A 73 -18.17 4.91 -18.35
C GLY A 73 -19.59 4.72 -18.86
N LEU A 74 -20.21 3.64 -18.41
CA LEU A 74 -21.57 3.28 -18.79
C LEU A 74 -22.61 3.72 -17.78
N GLY A 75 -22.21 4.46 -16.75
CA GLY A 75 -23.14 4.88 -15.72
C GLY A 75 -23.53 3.80 -14.74
N ILE A 76 -22.85 2.66 -14.76
CA ILE A 76 -23.17 1.52 -13.91
C ILE A 76 -21.89 1.04 -13.23
N GLU A 77 -21.97 0.79 -11.93
CA GLU A 77 -20.90 0.13 -11.19
C GLU A 77 -21.33 -1.29 -10.90
N VAL A 78 -20.45 -2.25 -11.15
CA VAL A 78 -20.74 -3.67 -11.04
C VAL A 78 -19.58 -4.36 -10.34
N GLY A 79 -19.75 -5.64 -10.06
CA GLY A 79 -18.72 -6.43 -9.42
C GLY A 79 -18.94 -7.90 -9.68
N SER A 80 -18.03 -8.71 -9.16
CA SER A 80 -18.06 -10.16 -9.31
C SER A 80 -18.33 -10.81 -7.96
N GLU A 81 -19.30 -11.71 -7.91
CA GLU A 81 -19.68 -12.42 -6.70
C GLU A 81 -19.39 -13.91 -6.91
N ASP A 82 -18.31 -14.39 -6.30
CA ASP A 82 -17.92 -15.80 -6.41
C ASP A 82 -17.79 -16.21 -7.88
N GLY A 83 -17.21 -15.33 -8.68
CA GLY A 83 -17.03 -15.60 -10.10
C GLY A 83 -18.23 -15.30 -10.96
N PHE A 84 -19.26 -14.65 -10.42
CA PHE A 84 -20.47 -14.32 -11.16
C PHE A 84 -20.65 -12.81 -11.19
N ILE A 85 -21.00 -12.28 -12.36
CA ILE A 85 -21.17 -10.84 -12.54
C ILE A 85 -22.55 -10.44 -12.03
N LYS A 86 -22.59 -9.37 -11.22
CA LYS A 86 -23.83 -8.83 -10.71
C LYS A 86 -23.78 -7.31 -10.77
N VAL A 87 -24.91 -6.70 -11.10
CA VAL A 87 -25.00 -5.25 -11.15
C VAL A 87 -25.09 -4.71 -9.73
N VAL A 88 -24.20 -3.77 -9.40
CA VAL A 88 -24.12 -3.23 -8.03
C VAL A 88 -25.01 -1.99 -7.91
N SER A 89 -24.74 -0.97 -8.73
CA SER A 89 -25.46 0.29 -8.58
C SER A 89 -25.48 1.10 -9.88
N PRO A 90 -26.66 1.47 -10.38
CA PRO A 90 -26.72 2.46 -11.45
C PRO A 90 -26.73 3.88 -10.91
N ILE A 91 -25.75 4.70 -11.31
CA ILE A 91 -25.69 6.07 -10.83
C ILE A 91 -26.90 6.83 -11.36
N ASP A 92 -27.62 7.50 -10.46
CA ASP A 92 -28.84 8.20 -10.82
C ASP A 92 -28.54 9.45 -11.63
N ASP A 93 -29.49 9.83 -12.48
CA ASP A 93 -29.40 11.08 -13.24
C ASP A 93 -28.15 11.13 -14.11
N THR A 94 -27.81 10.01 -14.74
CA THR A 94 -26.69 9.93 -15.67
C THR A 94 -27.21 9.38 -17.00
N PRO A 95 -26.93 10.05 -18.12
CA PRO A 95 -27.48 9.56 -19.40
C PRO A 95 -27.10 8.12 -19.71
N ALA A 96 -25.88 7.71 -19.39
CA ALA A 96 -25.47 6.34 -19.67
C ALA A 96 -26.26 5.34 -18.83
N ALA A 97 -26.65 5.73 -17.62
CA ALA A 97 -27.41 4.86 -16.73
C ALA A 97 -28.92 5.00 -16.94
N ARG A 98 -29.36 5.83 -17.88
CA ARG A 98 -30.79 5.96 -18.16
C ARG A 98 -31.40 4.68 -18.70
N ALA A 99 -30.58 3.72 -19.14
CA ALA A 99 -31.12 2.44 -19.61
C ALA A 99 -31.92 1.74 -18.52
N GLY A 100 -31.57 1.98 -17.25
CA GLY A 100 -32.29 1.38 -16.15
C GLY A 100 -32.24 -0.14 -16.17
N ILE A 101 -31.04 -0.69 -16.38
CA ILE A 101 -30.90 -2.14 -16.40
C ILE A 101 -31.32 -2.72 -15.06
N GLN A 102 -31.86 -3.94 -15.09
CA GLN A 102 -32.39 -4.55 -13.88
C GLN A 102 -31.25 -4.82 -12.89
N PRO A 103 -31.49 -4.61 -11.60
CA PRO A 103 -30.43 -4.89 -10.62
C PRO A 103 -30.05 -6.36 -10.61
N GLY A 104 -28.78 -6.62 -10.32
CA GLY A 104 -28.29 -7.98 -10.25
C GLY A 104 -28.16 -8.67 -11.59
N ASP A 105 -28.16 -7.91 -12.69
CA ASP A 105 -28.04 -8.52 -14.01
C ASP A 105 -26.66 -9.15 -14.17
N LEU A 106 -26.63 -10.32 -14.78
CA LEU A 106 -25.40 -11.09 -14.99
C LEU A 106 -25.03 -10.99 -16.47
N ILE A 107 -24.07 -10.13 -16.79
CA ILE A 107 -23.62 -9.95 -18.17
C ILE A 107 -22.76 -11.14 -18.55
N VAL A 108 -23.27 -11.98 -19.45
CA VAL A 108 -22.53 -13.18 -19.84
C VAL A 108 -21.32 -12.81 -20.68
N GLN A 109 -21.49 -11.90 -21.64
CA GLN A 109 -20.44 -11.56 -22.59
C GLN A 109 -20.27 -10.05 -22.67
N ILE A 110 -19.02 -9.60 -22.70
CA ILE A 110 -18.69 -8.19 -22.88
C ILE A 110 -17.69 -8.07 -24.02
N ASP A 111 -18.00 -7.23 -25.00
CA ASP A 111 -17.09 -6.96 -26.12
C ASP A 111 -16.71 -8.24 -26.83
N GLY A 112 -17.66 -9.17 -26.95
CA GLY A 112 -17.43 -10.39 -27.68
C GLY A 112 -16.62 -11.44 -26.94
N LYS A 113 -16.44 -11.30 -25.63
CA LYS A 113 -15.73 -12.29 -24.83
C LYS A 113 -16.51 -12.55 -23.55
N PRO A 114 -16.74 -13.81 -23.18
CA PRO A 114 -17.47 -14.08 -21.94
C PRO A 114 -16.71 -13.54 -20.72
N THR A 115 -17.49 -13.18 -19.70
CA THR A 115 -16.89 -12.65 -18.47
C THR A 115 -15.94 -13.66 -17.85
N LYS A 116 -16.14 -14.95 -18.11
CA LYS A 116 -15.26 -15.97 -17.55
C LYS A 116 -13.86 -15.83 -18.11
N GLY A 117 -12.86 -16.10 -17.27
CA GLY A 117 -11.46 -16.05 -17.67
C GLY A 117 -10.78 -14.72 -17.43
N GLN A 118 -11.52 -13.67 -17.10
CA GLN A 118 -10.96 -12.36 -16.84
C GLN A 118 -11.45 -11.86 -15.48
N SER A 119 -10.55 -11.23 -14.73
CA SER A 119 -10.89 -10.74 -13.41
C SER A 119 -11.93 -9.62 -13.50
N MET A 120 -12.56 -9.34 -12.36
CA MET A 120 -13.57 -8.29 -12.32
C MET A 120 -12.99 -6.96 -12.78
N THR A 121 -11.73 -6.68 -12.43
CA THR A 121 -11.09 -5.45 -12.88
C THR A 121 -10.98 -5.43 -14.41
N GLU A 122 -10.60 -6.56 -15.00
CA GLU A 122 -10.50 -6.62 -16.46
C GLU A 122 -11.87 -6.41 -17.12
N ALA A 123 -12.92 -7.00 -16.55
CA ALA A 123 -14.26 -6.79 -17.07
C ALA A 123 -14.67 -5.33 -16.96
N VAL A 124 -14.37 -4.70 -15.83
CA VAL A 124 -14.70 -3.29 -15.65
C VAL A 124 -13.96 -2.45 -16.69
N ASP A 125 -12.68 -2.74 -16.91
CA ASP A 125 -11.92 -2.01 -17.92
C ASP A 125 -12.53 -2.21 -19.30
N SER A 126 -12.97 -3.43 -19.61
CA SER A 126 -13.64 -3.68 -20.88
C SER A 126 -14.89 -2.83 -21.01
N MET A 127 -15.69 -2.75 -19.94
CA MET A 127 -16.84 -1.85 -19.94
C MET A 127 -16.40 -0.40 -20.08
N ARG A 128 -15.33 -0.03 -19.37
CA ARG A 128 -14.82 1.34 -19.45
C ARG A 128 -14.22 1.60 -20.82
N GLY A 129 -14.23 2.87 -21.23
CA GLY A 129 -13.67 3.25 -22.52
C GLY A 129 -13.90 4.72 -22.77
N LYS A 130 -13.49 5.15 -23.96
CA LYS A 130 -13.67 6.54 -24.34
C LYS A 130 -15.14 6.91 -24.36
N ALA A 131 -15.44 8.13 -23.94
CA ALA A 131 -16.83 8.59 -23.92
C ALA A 131 -17.37 8.70 -25.34
N GLY A 132 -18.66 8.44 -25.49
CA GLY A 132 -19.31 8.50 -26.78
C GLY A 132 -19.13 7.26 -27.65
N SER A 133 -18.56 6.19 -27.11
CA SER A 133 -18.34 4.97 -27.88
C SER A 133 -19.41 3.95 -27.53
N PRO A 134 -20.34 3.64 -28.43
CA PRO A 134 -21.37 2.64 -28.09
C PRO A 134 -20.77 1.26 -27.94
N ILE A 135 -21.40 0.46 -27.09
CA ILE A 135 -20.97 -0.91 -26.82
C ILE A 135 -22.19 -1.82 -26.79
N THR A 136 -21.96 -3.10 -27.08
CA THR A 136 -23.00 -4.12 -27.05
C THR A 136 -22.55 -5.26 -26.17
N LEU A 137 -23.41 -5.69 -25.25
CA LEU A 137 -23.10 -6.77 -24.32
C LEU A 137 -24.19 -7.82 -24.40
N THR A 138 -23.85 -9.05 -24.00
CA THR A 138 -24.77 -10.17 -24.01
C THR A 138 -25.09 -10.56 -22.57
N ILE A 139 -26.38 -10.61 -22.25
CA ILE A 139 -26.84 -10.89 -20.89
C ILE A 139 -27.83 -12.04 -20.92
N VAL A 140 -27.73 -12.91 -19.91
CA VAL A 140 -28.67 -14.00 -19.68
C VAL A 140 -29.19 -13.88 -18.26
N ARG A 141 -30.51 -13.87 -18.11
CA ARG A 141 -31.16 -13.72 -16.80
C ARG A 141 -32.02 -14.93 -16.51
N ASP A 142 -31.81 -15.54 -15.35
CA ASP A 142 -32.62 -16.67 -14.89
C ASP A 142 -32.63 -17.80 -15.91
N GLY A 143 -31.50 -18.01 -16.57
CA GLY A 143 -31.38 -19.10 -17.52
C GLY A 143 -32.12 -18.89 -18.82
N GLY A 144 -32.60 -17.68 -19.09
CA GLY A 144 -33.32 -17.41 -20.33
C GLY A 144 -32.38 -17.26 -21.51
N ARG A 145 -32.99 -17.07 -22.68
CA ARG A 145 -32.20 -16.91 -23.88
C ARG A 145 -31.37 -15.64 -23.79
N PRO A 146 -30.11 -15.66 -24.22
CA PRO A 146 -29.29 -14.45 -24.14
C PRO A 146 -29.86 -13.34 -25.01
N PHE A 147 -29.67 -12.10 -24.57
CA PHE A 147 -30.11 -10.94 -25.34
C PHE A 147 -29.02 -9.89 -25.32
N ASP A 148 -29.02 -9.06 -26.35
CA ASP A 148 -28.02 -8.02 -26.53
C ASP A 148 -28.52 -6.69 -25.98
N VAL A 149 -27.71 -6.04 -25.17
CA VAL A 149 -28.00 -4.73 -24.60
C VAL A 149 -27.02 -3.73 -25.20
N GLU A 150 -27.53 -2.62 -25.71
CA GLU A 150 -26.73 -1.56 -26.29
C GLU A 150 -26.60 -0.42 -25.28
N LEU A 151 -25.36 -0.01 -25.02
CA LEU A 151 -25.08 1.05 -24.05
C LEU A 151 -24.23 2.12 -24.71
N LYS A 152 -24.34 3.34 -24.19
CA LYS A 152 -23.62 4.49 -24.72
C LYS A 152 -22.64 4.97 -23.66
N ARG A 153 -21.35 4.83 -23.95
CA ARG A 153 -20.32 5.34 -23.06
C ARG A 153 -20.38 6.87 -23.04
N ALA A 154 -20.26 7.44 -21.84
CA ALA A 154 -20.33 8.88 -21.68
C ALA A 154 -19.61 9.27 -20.40
N ILE A 155 -19.34 10.57 -20.26
CA ILE A 155 -18.72 11.09 -19.06
C ILE A 155 -19.78 11.21 -17.98
N ILE A 156 -19.63 10.44 -16.90
CA ILE A 156 -20.59 10.37 -15.81
C ILE A 156 -19.95 11.00 -14.58
N LYS A 157 -20.68 11.90 -13.93
CA LYS A 157 -20.29 12.43 -12.64
C LYS A 157 -20.63 11.41 -11.55
N VAL A 158 -19.69 11.16 -10.66
CA VAL A 158 -19.85 10.16 -9.60
C VAL A 158 -20.01 10.92 -8.28
N LYS A 159 -21.15 10.71 -7.62
CA LYS A 159 -21.36 11.32 -6.32
C LYS A 159 -20.40 10.74 -5.30
N SER A 160 -19.91 11.60 -4.40
CA SER A 160 -18.98 11.20 -3.36
C SER A 160 -19.59 11.22 -1.96
N VAL A 161 -20.73 11.90 -1.78
CA VAL A 161 -21.36 12.06 -0.47
C VAL A 161 -22.75 11.46 -0.54
N LYS A 162 -23.09 10.62 0.43
CA LYS A 162 -24.40 10.01 0.54
C LYS A 162 -25.08 10.48 1.81
N SER A 163 -26.35 10.88 1.69
CA SER A 163 -27.12 11.42 2.80
C SER A 163 -28.31 10.52 3.11
N GLN A 164 -28.63 10.41 4.39
CA GLN A 164 -29.74 9.60 4.85
C GLN A 164 -30.33 10.23 6.10
N VAL A 165 -31.52 9.75 6.47
CA VAL A 165 -32.17 10.12 7.72
C VAL A 165 -32.34 8.86 8.55
N LEU A 166 -31.72 8.83 9.72
CA LEU A 166 -31.75 7.65 10.58
C LEU A 166 -32.95 7.65 11.51
N GLU A 167 -33.14 8.74 12.26
CA GLU A 167 -34.26 8.92 13.16
C GLU A 167 -34.88 10.28 12.88
N PRO A 168 -36.20 10.42 13.05
CA PRO A 168 -36.83 11.73 12.81
C PRO A 168 -36.11 12.85 13.55
N GLY A 169 -35.51 13.77 12.80
CA GLY A 169 -34.72 14.85 13.36
C GLY A 169 -33.23 14.64 13.32
N TYR A 170 -32.77 13.43 13.02
CA TYR A 170 -31.36 13.11 12.96
C TYR A 170 -31.00 12.59 11.56
N ALA A 171 -29.84 13.01 11.07
CA ALA A 171 -29.41 12.72 9.72
C ALA A 171 -28.12 11.90 9.74
N TYR A 172 -27.56 11.66 8.56
CA TYR A 172 -26.33 10.88 8.42
C TYR A 172 -25.70 11.23 7.08
N LEU A 173 -24.47 11.71 7.11
CA LEU A 173 -23.72 12.06 5.91
C LEU A 173 -22.45 11.22 5.87
N ARG A 174 -22.30 10.42 4.82
CA ARG A 174 -21.11 9.60 4.63
C ARG A 174 -20.33 10.11 3.43
N ILE A 175 -19.04 10.34 3.63
CA ILE A 175 -18.15 10.85 2.59
C ILE A 175 -17.30 9.68 2.14
N THR A 176 -17.69 9.04 1.03
CA THR A 176 -16.93 7.90 0.53
C THR A 176 -15.51 8.33 0.14
N GLN A 177 -15.37 9.47 -0.52
CA GLN A 177 -14.07 9.97 -0.92
C GLN A 177 -14.18 11.48 -1.13
N PHE A 178 -13.03 12.14 -1.15
CA PHE A 178 -12.96 13.58 -1.36
C PHE A 178 -12.57 13.83 -2.81
N GLN A 179 -13.47 14.47 -3.55
CA GLN A 179 -13.25 14.82 -4.95
C GLN A 179 -13.30 16.34 -5.10
N VAL A 180 -13.11 16.80 -6.34
CA VAL A 180 -12.96 18.24 -6.58
C VAL A 180 -14.20 19.00 -6.10
N ASN A 181 -15.38 18.45 -6.34
CA ASN A 181 -16.63 19.11 -5.99
C ASN A 181 -17.25 18.55 -4.72
N THR A 182 -16.58 17.61 -4.04
CA THR A 182 -17.17 16.97 -2.87
C THR A 182 -17.67 18.00 -1.88
N GLY A 183 -16.83 18.97 -1.53
CA GLY A 183 -17.27 20.05 -0.66
C GLY A 183 -18.61 20.60 -1.07
N GLU A 184 -18.71 21.08 -2.31
CA GLU A 184 -19.96 21.63 -2.80
C GLU A 184 -21.10 20.64 -2.56
N GLU A 185 -20.90 19.39 -2.95
CA GLU A 185 -21.94 18.38 -2.76
C GLU A 185 -22.42 18.39 -1.32
N VAL A 186 -21.49 18.34 -0.37
CA VAL A 186 -21.88 18.33 1.04
C VAL A 186 -22.84 19.47 1.31
N VAL A 187 -22.44 20.69 0.94
CA VAL A 187 -23.28 21.85 1.20
C VAL A 187 -24.68 21.60 0.64
N LYS A 188 -24.75 21.22 -0.63
CA LYS A 188 -26.04 20.96 -1.25
C LYS A 188 -26.84 20.00 -0.40
N ALA A 189 -26.24 18.86 -0.05
CA ALA A 189 -26.95 17.87 0.74
C ALA A 189 -27.55 18.51 1.97
N LEU A 190 -26.74 19.26 2.71
CA LEU A 190 -27.21 19.85 3.96
C LEU A 190 -28.53 20.58 3.73
N ASN A 191 -28.58 21.41 2.70
CA ASN A 191 -29.81 22.13 2.40
C ASN A 191 -30.97 21.15 2.27
N GLN A 192 -30.91 20.26 1.28
CA GLN A 192 -32.02 19.34 1.12
C GLN A 192 -32.26 18.55 2.40
N LEU A 193 -31.20 18.27 3.15
CA LEU A 193 -31.36 17.51 4.39
C LEU A 193 -32.35 18.21 5.32
N ARG A 194 -32.13 19.52 5.57
CA ARG A 194 -33.06 20.21 6.46
C ARG A 194 -34.45 20.25 5.86
N LYS A 195 -34.55 20.30 4.53
CA LYS A 195 -35.87 20.28 3.90
C LYS A 195 -36.63 19.02 4.26
N ASP A 196 -35.93 17.89 4.42
CA ASP A 196 -36.59 16.65 4.79
C ASP A 196 -37.22 16.70 6.17
N ASN A 197 -36.79 17.64 7.03
CA ASN A 197 -37.37 17.81 8.36
C ASN A 197 -38.16 19.10 8.49
N LYS A 198 -38.43 19.79 7.38
CA LYS A 198 -39.16 21.05 7.36
C LYS A 198 -38.37 22.18 8.02
N GLY A 199 -37.04 22.06 8.09
CA GLY A 199 -36.21 23.13 8.58
C GLY A 199 -35.86 23.01 10.05
N ARG A 200 -35.52 21.81 10.50
CA ARG A 200 -35.09 21.59 11.88
C ARG A 200 -34.37 20.27 11.97
N LEU A 201 -33.08 20.33 12.34
CA LEU A 201 -32.26 19.14 12.54
C LEU A 201 -31.82 19.08 14.00
N LYS A 202 -32.06 17.95 14.65
CA LYS A 202 -31.66 17.75 16.03
C LYS A 202 -30.23 17.22 16.16
N GLY A 203 -29.63 16.74 15.08
CA GLY A 203 -28.29 16.20 15.14
C GLY A 203 -27.84 15.76 13.78
N LEU A 204 -26.65 15.16 13.74
CA LEU A 204 -26.07 14.69 12.49
C LEU A 204 -24.87 13.81 12.83
N VAL A 205 -24.69 12.75 12.06
CA VAL A 205 -23.62 11.78 12.29
C VAL A 205 -22.81 11.71 11.00
N LEU A 206 -21.77 12.53 10.91
CA LEU A 206 -20.86 12.44 9.77
C LEU A 206 -20.07 11.15 9.84
N ASP A 207 -19.96 10.47 8.70
CA ASP A 207 -19.30 9.17 8.62
C ASP A 207 -18.08 9.32 7.71
N LEU A 208 -16.89 9.30 8.31
CA LEU A 208 -15.63 9.35 7.57
C LEU A 208 -14.85 8.06 7.72
N ARG A 209 -15.51 6.97 8.08
CA ARG A 209 -14.82 5.69 8.22
C ARG A 209 -14.43 5.16 6.84
N ASN A 210 -13.17 4.76 6.70
CA ASN A 210 -12.63 4.25 5.45
C ASN A 210 -12.81 5.27 4.32
N ASN A 211 -12.17 6.42 4.50
CA ASN A 211 -12.15 7.48 3.49
C ASN A 211 -10.71 7.73 3.07
N PRO A 212 -10.25 7.17 1.95
CA PRO A 212 -8.81 7.20 1.64
C PRO A 212 -8.24 8.60 1.48
N GLY A 213 -9.07 9.60 1.21
CA GLY A 213 -8.58 10.97 1.12
C GLY A 213 -9.06 11.71 -0.10
N GLY A 214 -8.26 12.66 -0.57
CA GLY A 214 -8.61 13.41 -1.77
C GLY A 214 -8.01 14.81 -1.70
N VAL A 215 -8.49 15.65 -2.63
CA VAL A 215 -7.97 17.00 -2.75
C VAL A 215 -8.15 17.75 -1.43
N LEU A 216 -7.16 18.58 -1.10
CA LEU A 216 -7.22 19.36 0.14
C LEU A 216 -8.32 20.41 0.09
N GLN A 217 -8.54 21.02 -1.09
CA GLN A 217 -9.52 22.09 -1.19
C GLN A 217 -10.92 21.59 -0.84
N SER A 218 -11.26 20.38 -1.28
CA SER A 218 -12.56 19.83 -0.94
C SER A 218 -12.71 19.64 0.56
N ALA A 219 -11.65 19.15 1.23
CA ALA A 219 -11.69 19.01 2.67
C ALA A 219 -11.90 20.36 3.36
N VAL A 220 -11.18 21.38 2.90
CA VAL A 220 -11.35 22.71 3.48
C VAL A 220 -12.77 23.20 3.26
N GLU A 221 -13.32 22.96 2.07
CA GLU A 221 -14.66 23.43 1.75
C GLU A 221 -15.70 22.77 2.64
N VAL A 222 -15.58 21.45 2.84
CA VAL A 222 -16.55 20.77 3.71
C VAL A 222 -16.41 21.25 5.15
N ALA A 223 -15.17 21.37 5.63
CA ALA A 223 -14.96 21.86 6.98
C ALA A 223 -15.59 23.24 7.17
N ASP A 224 -15.37 24.15 6.20
CA ASP A 224 -15.98 25.46 6.30
C ASP A 224 -17.49 25.38 6.23
N ALA A 225 -18.02 24.45 5.42
CA ALA A 225 -19.46 24.25 5.38
C ALA A 225 -20.00 23.86 6.74
N PHE A 226 -19.21 23.13 7.53
CA PHE A 226 -19.60 22.79 8.89
C PHE A 226 -19.07 23.77 9.93
N LEU A 227 -18.37 24.83 9.52
CA LEU A 227 -17.75 25.76 10.44
C LEU A 227 -18.17 27.18 10.11
N THR A 228 -17.86 28.11 11.02
CA THR A 228 -18.26 29.50 10.85
C THR A 228 -17.18 30.51 11.18
N LYS A 229 -15.99 30.09 11.61
CA LYS A 229 -14.90 31.02 11.88
C LYS A 229 -13.64 30.23 12.19
N GLY A 230 -12.53 30.95 12.32
CA GLY A 230 -11.26 30.35 12.66
C GLY A 230 -10.56 29.74 11.46
N LEU A 231 -9.36 29.24 11.72
CA LEU A 231 -8.58 28.57 10.69
C LEU A 231 -8.88 27.07 10.71
N ILE A 232 -8.97 26.48 9.52
CA ILE A 232 -9.33 25.07 9.39
C ILE A 232 -8.10 24.19 9.42
N VAL A 233 -7.08 24.54 8.64
CA VAL A 233 -5.81 23.81 8.62
C VAL A 233 -4.78 24.68 7.91
N TYR A 234 -3.54 24.62 8.35
CA TYR A 234 -2.48 25.41 7.72
C TYR A 234 -1.28 24.51 7.43
N THR A 235 -0.75 24.60 6.23
CA THR A 235 0.34 23.74 5.79
C THR A 235 1.68 24.43 5.98
N LYS A 236 2.70 23.61 6.24
CA LYS A 236 4.08 24.07 6.36
C LYS A 236 4.99 23.18 5.51
N GLY A 237 5.88 23.83 4.77
CA GLY A 237 6.87 23.14 3.96
C GLY A 237 8.04 24.07 3.72
N ARG A 238 9.14 23.48 3.25
CA ARG A 238 10.37 24.25 3.08
C ARG A 238 10.18 25.36 2.06
N ILE A 239 9.54 25.06 0.93
CA ILE A 239 9.36 26.06 -0.11
C ILE A 239 8.38 27.13 0.35
N ALA A 240 8.44 28.29 -0.32
CA ALA A 240 7.65 29.45 0.11
C ALA A 240 6.16 29.24 -0.18
N ASN A 241 5.82 28.75 -1.36
CA ASN A 241 4.42 28.64 -1.74
C ASN A 241 3.67 27.64 -0.87
N SER A 242 4.36 26.60 -0.39
CA SER A 242 3.70 25.60 0.43
C SER A 242 3.14 26.21 1.71
N GLU A 243 3.91 27.07 2.37
CA GLU A 243 3.44 27.72 3.59
C GLU A 243 2.12 28.42 3.32
N LEU A 244 1.06 27.93 3.97
CA LEU A 244 -0.29 28.39 3.65
C LEU A 244 -1.19 28.18 4.86
N ARG A 245 -2.22 29.01 4.96
CA ARG A 245 -3.25 28.89 5.98
C ARG A 245 -4.62 29.02 5.33
N PHE A 246 -5.62 28.41 5.96
CA PHE A 246 -6.99 28.46 5.48
C PHE A 246 -7.87 29.07 6.57
N SER A 247 -9.07 29.49 6.16
CA SER A 247 -10.03 30.13 7.05
C SER A 247 -11.40 29.50 6.83
N ALA A 248 -12.39 30.03 7.55
CA ALA A 248 -13.77 29.54 7.47
C ALA A 248 -14.71 30.73 7.28
N ASP A 249 -15.54 30.67 6.24
CA ASP A 249 -16.50 31.72 6.00
C ASP A 249 -17.56 31.73 7.09
N PRO A 250 -18.06 32.90 7.49
CA PRO A 250 -19.12 32.92 8.53
C PRO A 250 -20.34 32.11 8.17
N ALA A 251 -20.69 32.03 6.90
CA ALA A 251 -21.87 31.26 6.49
C ALA A 251 -21.65 29.78 6.81
N ASP A 252 -22.71 29.13 7.28
CA ASP A 252 -22.65 27.72 7.64
C ASP A 252 -24.01 27.05 7.46
N PRO A 253 -24.22 26.26 6.42
CA PRO A 253 -25.52 25.58 6.25
C PRO A 253 -25.85 24.62 7.37
N SER A 254 -24.86 24.16 8.14
CA SER A 254 -25.13 23.17 9.17
C SER A 254 -26.10 23.67 10.24
N ASP A 255 -26.18 24.98 10.45
CA ASP A 255 -27.09 25.58 11.41
C ASP A 255 -26.68 25.28 12.85
N LYS A 256 -25.40 25.02 13.08
CA LYS A 256 -24.86 24.76 14.42
C LYS A 256 -25.58 23.59 15.09
N VAL A 257 -25.94 22.59 14.30
CA VAL A 257 -26.61 21.40 14.82
C VAL A 257 -25.56 20.52 15.51
N PRO A 258 -25.95 19.74 16.52
CA PRO A 258 -24.97 18.82 17.13
C PRO A 258 -24.41 17.87 16.09
N LEU A 259 -23.10 17.63 16.17
CA LEU A 259 -22.40 16.85 15.17
C LEU A 259 -21.52 15.80 15.83
N VAL A 260 -21.65 14.56 15.37
CA VAL A 260 -20.81 13.45 15.80
C VAL A 260 -20.11 12.91 14.57
N VAL A 261 -18.78 12.90 14.59
CA VAL A 261 -17.96 12.52 13.45
C VAL A 261 -17.31 11.17 13.75
N LEU A 262 -17.45 10.23 12.83
CA LEU A 262 -16.89 8.90 12.98
C LEU A 262 -15.57 8.81 12.24
N ILE A 263 -14.54 8.30 12.91
CA ILE A 263 -13.23 8.07 12.32
C ILE A 263 -12.81 6.64 12.62
N ASN A 264 -12.45 5.91 11.57
CA ASN A 264 -11.98 4.55 11.69
C ASN A 264 -10.46 4.52 11.56
N GLY A 265 -9.89 3.32 11.50
CA GLY A 265 -8.47 3.19 11.22
C GLY A 265 -8.09 3.45 9.77
N GLY A 266 -9.09 3.62 8.90
CA GLY A 266 -8.83 3.88 7.50
C GLY A 266 -9.12 5.32 7.10
N SER A 267 -9.19 6.22 8.08
CA SER A 267 -9.43 7.64 7.83
C SER A 267 -8.09 8.30 7.54
N ALA A 268 -7.79 8.48 6.27
CA ALA A 268 -6.50 8.99 5.82
C ALA A 268 -6.51 10.52 5.83
N ALA A 269 -5.51 11.11 5.17
CA ALA A 269 -5.20 12.53 5.34
C ALA A 269 -6.43 13.42 5.17
N ALA A 270 -7.12 13.32 4.03
CA ALA A 270 -8.15 14.30 3.71
C ALA A 270 -9.29 14.24 4.73
N ALA A 271 -9.76 13.04 5.06
CA ALA A 271 -10.78 12.91 6.09
C ALA A 271 -10.26 13.35 7.44
N GLU A 272 -8.98 13.05 7.72
CA GLU A 272 -8.38 13.49 8.96
C GLU A 272 -8.35 15.01 9.07
N ILE A 273 -8.29 15.71 7.92
CA ILE A 273 -8.31 17.17 7.94
C ILE A 273 -9.63 17.67 8.51
N VAL A 274 -10.74 17.14 7.99
CA VAL A 274 -12.06 17.53 8.49
C VAL A 274 -12.20 17.14 9.95
N ALA A 275 -11.76 15.94 10.31
CA ALA A 275 -11.90 15.47 11.68
C ALA A 275 -11.13 16.37 12.64
N GLY A 276 -9.88 16.69 12.30
CA GLY A 276 -9.08 17.55 13.15
C GLY A 276 -9.61 18.97 13.22
N ALA A 277 -10.11 19.48 12.10
CA ALA A 277 -10.68 20.83 12.11
C ALA A 277 -11.90 20.89 13.02
N LEU A 278 -12.74 19.85 13.00
CA LEU A 278 -13.93 19.84 13.83
C LEU A 278 -13.66 19.39 15.26
N GLN A 279 -12.48 18.83 15.55
CA GLN A 279 -12.11 18.43 16.90
C GLN A 279 -11.31 19.48 17.64
N ASP A 280 -10.19 19.92 17.06
CA ASP A 280 -9.39 20.95 17.70
C ASP A 280 -10.21 22.22 17.94
N GLN A 281 -11.23 22.44 17.12
CA GLN A 281 -12.27 23.41 17.40
C GLN A 281 -13.45 22.66 18.02
N LYS A 282 -13.96 23.16 19.14
CA LYS A 282 -15.02 22.47 19.86
C LYS A 282 -16.32 22.62 19.07
N ARG A 283 -16.46 21.77 18.05
CA ARG A 283 -17.59 21.82 17.14
C ARG A 283 -18.26 20.47 16.91
N ALA A 284 -17.57 19.35 17.15
CA ALA A 284 -18.14 18.04 16.94
C ALA A 284 -17.47 17.05 17.87
N ILE A 285 -18.16 15.93 18.11
CA ILE A 285 -17.67 14.87 18.97
C ILE A 285 -17.10 13.77 18.09
N LEU A 286 -15.80 13.51 18.21
CA LEU A 286 -15.19 12.39 17.51
C LEU A 286 -15.38 11.10 18.30
N MET A 287 -15.67 10.01 17.59
CA MET A 287 -15.84 8.72 18.24
C MET A 287 -15.46 7.62 17.26
N GLY A 288 -14.57 6.74 17.69
CA GLY A 288 -14.16 5.61 16.87
C GLY A 288 -12.78 5.13 17.30
N THR A 289 -12.02 4.64 16.31
CA THR A 289 -10.65 4.23 16.51
C THR A 289 -9.71 5.30 16.00
N ASP A 290 -8.44 5.20 16.40
CA ASP A 290 -7.43 6.15 15.94
C ASP A 290 -7.39 6.16 14.42
N SER A 291 -7.31 7.36 13.85
CA SER A 291 -7.26 7.49 12.41
C SER A 291 -5.95 6.93 11.87
N PHE A 292 -5.91 6.73 10.55
CA PHE A 292 -4.70 6.22 9.92
C PHE A 292 -3.49 7.06 10.30
N GLY A 293 -3.69 8.37 10.42
CA GLY A 293 -2.68 9.25 10.96
C GLY A 293 -1.56 9.58 10.01
N LYS A 294 -1.91 10.16 8.85
CA LYS A 294 -0.92 10.70 7.94
C LYS A 294 -1.31 12.12 7.58
N GLY A 295 -0.39 13.06 7.79
CA GLY A 295 -0.56 14.39 7.24
C GLY A 295 0.61 14.80 6.38
N SER A 296 0.38 14.84 5.07
CA SER A 296 1.39 15.33 4.13
C SER A 296 0.65 15.73 2.84
N VAL A 297 0.43 17.03 2.66
CA VAL A 297 -0.20 17.49 1.44
C VAL A 297 0.79 17.39 0.29
N GLN A 298 0.40 16.66 -0.75
CA GLN A 298 1.26 16.41 -1.90
C GLN A 298 0.79 17.23 -3.09
N THR A 299 1.68 17.38 -4.06
CA THR A 299 1.41 18.16 -5.27
C THR A 299 1.73 17.32 -6.49
N VAL A 300 0.83 17.34 -7.47
CA VAL A 300 1.02 16.59 -8.71
C VAL A 300 1.66 17.55 -9.70
N LEU A 301 2.98 17.61 -9.69
CA LEU A 301 3.71 18.50 -10.60
C LEU A 301 3.69 17.91 -12.00
N PRO A 302 3.22 18.65 -13.00
CA PRO A 302 3.19 18.09 -14.36
C PRO A 302 4.54 18.22 -15.05
N LEU A 303 5.05 17.11 -15.56
CA LEU A 303 6.30 17.10 -16.28
C LEU A 303 6.08 17.55 -17.72
N ASN A 304 7.19 17.73 -18.44
CA ASN A 304 7.10 18.10 -19.85
C ASN A 304 6.28 17.09 -20.63
N ASN A 305 6.29 15.82 -20.21
CA ASN A 305 5.47 14.80 -20.80
C ASN A 305 4.10 14.76 -20.11
N ASP A 306 3.22 13.90 -20.63
CA ASP A 306 1.90 13.75 -20.02
C ASP A 306 2.01 13.23 -18.59
N ARG A 307 2.95 12.30 -18.35
CA ARG A 307 3.15 11.77 -17.02
C ARG A 307 3.59 12.87 -16.05
N ALA A 308 3.28 12.68 -14.77
CA ALA A 308 3.58 13.66 -13.75
C ALA A 308 4.10 12.94 -12.51
N LEU A 309 4.74 13.71 -11.63
CA LEU A 309 5.30 13.18 -10.40
C LEU A 309 4.56 13.78 -9.21
N LYS A 310 4.21 12.92 -8.24
CA LYS A 310 3.53 13.34 -7.03
C LYS A 310 4.54 13.33 -5.89
N LEU A 311 4.71 14.48 -5.24
CA LEU A 311 5.73 14.67 -4.23
C LEU A 311 5.12 15.29 -2.98
N THR A 312 5.64 14.90 -1.82
CA THR A 312 5.14 15.42 -0.55
C THR A 312 5.63 16.84 -0.33
N THR A 313 4.86 17.81 -0.83
CA THR A 313 5.29 19.21 -0.77
C THR A 313 5.38 19.72 0.67
N ALA A 314 4.41 19.37 1.50
CA ALA A 314 4.32 19.97 2.83
C ALA A 314 3.52 19.07 3.75
N LEU A 315 3.67 19.31 5.05
CA LEU A 315 2.79 18.74 6.07
C LEU A 315 1.69 19.74 6.40
N TYR A 316 0.66 19.26 7.09
CA TYR A 316 -0.42 20.14 7.52
C TYR A 316 -0.55 20.11 9.03
N TYR A 317 -1.11 21.19 9.56
CA TYR A 317 -1.30 21.37 10.99
C TYR A 317 -2.73 21.78 11.27
N THR A 318 -3.29 21.22 12.34
CA THR A 318 -4.63 21.55 12.79
C THR A 318 -4.64 22.92 13.45
N PRO A 319 -5.82 23.48 13.72
CA PRO A 319 -5.87 24.84 14.27
C PRO A 319 -5.07 25.02 15.54
N ASN A 320 -5.00 23.99 16.40
CA ASN A 320 -4.24 24.09 17.63
C ASN A 320 -2.73 24.19 17.39
N GLY A 321 -2.26 23.94 16.17
CA GLY A 321 -0.85 23.94 15.87
C GLY A 321 -0.18 22.59 16.01
N ARG A 322 -0.89 21.57 16.49
CA ARG A 322 -0.34 20.23 16.56
C ARG A 322 -0.42 19.55 15.21
N SER A 323 0.67 18.89 14.80
CA SER A 323 0.70 18.14 13.57
C SER A 323 0.26 16.71 13.83
N ILE A 324 -0.65 16.20 13.00
CA ILE A 324 -1.21 14.87 13.21
C ILE A 324 -0.42 13.79 12.49
N GLN A 325 0.62 14.16 11.75
CA GLN A 325 1.37 13.18 10.96
C GLN A 325 2.07 12.18 11.88
N ALA A 326 1.96 10.90 11.51
CA ALA A 326 2.64 9.78 12.15
C ALA A 326 2.08 9.43 13.51
N GLN A 327 1.09 10.15 14.01
CA GLN A 327 0.49 9.82 15.30
C GLN A 327 -1.03 9.64 15.23
N GLY A 328 -1.72 10.44 14.43
CA GLY A 328 -3.13 10.23 14.20
C GLY A 328 -4.01 10.87 15.25
N ILE A 329 -5.27 11.08 14.87
CA ILE A 329 -6.26 11.65 15.77
C ILE A 329 -6.69 10.59 16.78
N VAL A 330 -6.97 11.02 18.01
CA VAL A 330 -7.47 10.15 19.06
C VAL A 330 -8.93 10.54 19.33
N PRO A 331 -9.91 9.74 18.90
CA PRO A 331 -11.31 10.13 19.11
C PRO A 331 -11.63 10.23 20.59
N ASP A 332 -12.53 11.17 20.91
CA ASP A 332 -12.89 11.42 22.31
C ASP A 332 -13.59 10.22 22.93
N ILE A 333 -14.64 9.73 22.27
CA ILE A 333 -15.43 8.64 22.86
C ILE A 333 -14.66 7.33 22.83
N GLU A 334 -13.96 7.06 21.72
CA GLU A 334 -13.16 5.85 21.58
C GLU A 334 -14.05 4.59 21.62
N VAL A 335 -14.95 4.51 20.65
CA VAL A 335 -15.82 3.35 20.47
C VAL A 335 -15.16 2.40 19.47
N GLY A 336 -15.23 1.10 19.76
CA GLY A 336 -14.70 0.08 18.88
C GLY A 336 -15.82 -0.79 18.33
N ARG A 337 -15.62 -1.29 17.11
CA ARG A 337 -16.64 -2.12 16.48
C ARG A 337 -16.93 -3.34 17.35
N ALA A 338 -18.21 -3.62 17.54
CA ALA A 338 -18.63 -4.70 18.43
C ALA A 338 -20.04 -5.14 18.02
N LYS A 339 -20.67 -5.94 18.87
CA LYS A 339 -22.03 -6.39 18.66
C LYS A 339 -22.80 -6.26 19.96
N VAL A 340 -24.12 -6.08 19.83
CA VAL A 340 -25.01 -5.89 20.98
C VAL A 340 -25.88 -7.14 21.11
N THR A 341 -25.89 -7.70 22.32
CA THR A 341 -26.68 -8.90 22.59
C THR A 341 -27.88 -8.58 23.47
N SER A 383 -27.35 -3.17 13.03
CA SER A 383 -26.28 -3.79 12.26
C SER A 383 -24.95 -3.10 12.52
N ASP A 384 -24.92 -1.79 12.39
CA ASP A 384 -23.72 -0.99 12.62
C ASP A 384 -23.71 -0.55 14.08
N TYR A 385 -22.95 -1.27 14.91
CA TYR A 385 -22.90 -0.97 16.34
C TYR A 385 -22.37 0.45 16.58
N GLN A 386 -21.30 0.82 15.88
CA GLN A 386 -20.69 2.13 16.10
C GLN A 386 -21.66 3.26 15.76
N LEU A 387 -22.37 3.14 14.64
CA LEU A 387 -23.34 4.17 14.27
C LEU A 387 -24.50 4.21 15.25
N SER A 388 -24.92 3.05 15.76
CA SER A 388 -25.97 3.03 16.77
C SER A 388 -25.52 3.74 18.04
N GLN A 389 -24.27 3.53 18.45
CA GLN A 389 -23.74 4.24 19.60
C GLN A 389 -23.72 5.74 19.34
N ALA A 390 -23.33 6.15 18.13
CA ALA A 390 -23.31 7.57 17.80
C ALA A 390 -24.71 8.17 17.87
N LEU A 391 -25.71 7.46 17.34
CA LEU A 391 -27.07 7.97 17.39
C LEU A 391 -27.58 8.05 18.83
N SER A 392 -27.25 7.04 19.65
CA SER A 392 -27.65 7.08 21.05
C SER A 392 -27.03 8.26 21.77
N LEU A 393 -25.75 8.52 21.52
CA LEU A 393 -25.09 9.66 22.14
C LEU A 393 -25.74 10.96 21.70
N LEU A 394 -26.04 11.08 20.40
CA LEU A 394 -26.69 12.30 19.92
C LEU A 394 -28.05 12.51 20.57
N LYS A 395 -28.85 11.45 20.67
CA LYS A 395 -30.17 11.58 21.27
C LYS A 395 -30.05 11.95 22.75
N GLY A 396 -29.13 11.32 23.47
CA GLY A 396 -28.95 11.64 24.87
C GLY A 396 -28.50 13.07 25.07
N LEU A 397 -27.59 13.55 24.22
CA LEU A 397 -27.14 14.94 24.32
C LEU A 397 -28.28 15.89 24.01
N SER A 398 -29.11 15.57 23.02
CA SER A 398 -30.26 16.41 22.71
C SER A 398 -31.20 16.48 23.91
N VAL A 399 -31.45 15.34 24.56
CA VAL A 399 -32.35 15.33 25.70
C VAL A 399 -31.78 16.13 26.87
N THR A 400 -30.52 15.87 27.21
CA THR A 400 -29.90 16.59 28.33
C THR A 400 -29.73 18.07 28.03
N ARG A 401 -29.73 18.46 26.75
CA ARG A 401 -29.75 19.87 26.39
C ARG A 401 -31.13 20.49 26.51
N GLY A 402 -32.17 19.67 26.61
CA GLY A 402 -33.52 20.20 26.70
C GLY A 402 -33.85 21.04 25.48
N ASN A 403 -34.33 22.25 25.72
CA ASN A 403 -34.67 23.16 24.63
C ASN A 403 -33.42 23.72 23.98
N SER B 5 24.35 6.62 -36.90
CA SER B 5 23.63 5.36 -36.71
C SER B 5 22.26 5.62 -36.08
N ALA B 6 22.25 5.83 -34.77
CA ALA B 6 21.03 6.10 -34.02
C ALA B 6 21.23 7.30 -33.11
N PRO B 7 20.17 8.02 -32.78
CA PRO B 7 20.30 9.17 -31.89
C PRO B 7 20.24 8.79 -30.42
N LEU B 8 21.04 9.48 -29.61
CA LEU B 8 21.03 9.25 -28.18
C LEU B 8 19.69 9.69 -27.59
N PRO B 9 19.23 9.03 -26.52
CA PRO B 9 18.00 9.46 -25.85
C PRO B 9 18.24 10.64 -24.90
N LEU B 10 18.78 11.72 -25.46
CA LEU B 10 19.14 12.88 -24.65
C LEU B 10 17.91 13.51 -23.99
N ASP B 11 16.74 13.36 -24.62
CA ASP B 11 15.52 13.91 -24.04
C ASP B 11 15.24 13.28 -22.68
N GLU B 12 15.38 11.95 -22.58
CA GLU B 12 15.13 11.27 -21.32
C GLU B 12 16.13 11.69 -20.25
N LEU B 13 17.40 11.84 -20.64
CA LEU B 13 18.41 12.28 -19.69
C LEU B 13 18.11 13.69 -19.18
N ARG B 14 17.72 14.60 -20.08
CA ARG B 14 17.34 15.94 -19.66
C ARG B 14 16.15 15.90 -18.72
N THR B 15 15.16 15.06 -19.03
CA THR B 15 13.99 14.94 -18.17
C THR B 15 14.38 14.42 -16.79
N PHE B 16 15.29 13.44 -16.74
CA PHE B 16 15.73 12.93 -15.45
C PHE B 16 16.45 14.01 -14.65
N ALA B 17 17.33 14.77 -15.29
CA ALA B 17 18.05 15.82 -14.56
C ALA B 17 17.10 16.88 -14.02
N GLU B 18 16.14 17.30 -14.84
CA GLU B 18 15.18 18.31 -14.39
C GLU B 18 14.30 17.77 -13.28
N VAL B 19 13.92 16.49 -13.38
CA VAL B 19 13.12 15.88 -12.31
C VAL B 19 13.92 15.86 -11.01
N LEU B 20 15.20 15.49 -11.10
CA LEU B 20 16.03 15.47 -9.90
C LEU B 20 16.10 16.86 -9.26
N ASP B 21 16.34 17.88 -10.07
CA ASP B 21 16.47 19.22 -9.51
C ASP B 21 15.15 19.71 -8.93
N ARG B 22 14.02 19.43 -9.60
CA ARG B 22 12.74 19.84 -9.06
C ARG B 22 12.42 19.11 -7.76
N VAL B 23 12.75 17.81 -7.69
CA VAL B 23 12.54 17.07 -6.45
C VAL B 23 13.36 17.67 -5.32
N LYS B 24 14.62 18.00 -5.60
CA LYS B 24 15.44 18.63 -4.56
C LYS B 24 14.84 19.96 -4.12
N ALA B 25 14.35 20.75 -5.07
CA ALA B 25 13.89 22.10 -4.74
C ALA B 25 12.57 22.09 -3.97
N ALA B 26 11.65 21.19 -4.34
CA ALA B 26 10.27 21.24 -3.87
C ALA B 26 9.93 20.09 -2.92
N TYR B 27 10.84 19.73 -2.04
CA TYR B 27 10.62 18.66 -1.07
C TYR B 27 10.58 19.25 0.35
N VAL B 28 10.05 18.46 1.28
CA VAL B 28 9.89 18.95 2.65
C VAL B 28 11.22 18.89 3.40
N GLU B 29 11.75 17.69 3.58
CA GLU B 29 13.01 17.56 4.29
C GLU B 29 14.15 18.12 3.45
N PRO B 30 15.18 18.69 4.06
CA PRO B 30 16.35 19.08 3.27
C PRO B 30 17.11 17.85 2.80
N VAL B 31 16.98 17.53 1.52
CA VAL B 31 17.53 16.31 0.95
C VAL B 31 18.62 16.71 -0.03
N ASP B 32 19.83 16.20 0.18
CA ASP B 32 20.95 16.52 -0.67
C ASP B 32 20.96 15.63 -1.90
N ASP B 33 21.72 16.07 -2.92
CA ASP B 33 21.75 15.35 -4.19
C ASP B 33 22.30 13.95 -4.04
N LYS B 34 23.22 13.73 -3.09
CA LYS B 34 23.81 12.41 -2.93
C LYS B 34 22.76 11.38 -2.58
N THR B 35 21.88 11.71 -1.63
CA THR B 35 20.82 10.78 -1.25
C THR B 35 19.86 10.55 -2.42
N LEU B 36 19.54 11.59 -3.17
CA LEU B 36 18.64 11.43 -4.31
C LEU B 36 19.23 10.47 -5.33
N LEU B 37 20.52 10.61 -5.63
CA LEU B 37 21.13 9.75 -6.64
C LEU B 37 21.31 8.33 -6.13
N GLU B 38 21.63 8.16 -4.85
CA GLU B 38 21.70 6.82 -4.28
C GLU B 38 20.35 6.13 -4.35
N ASN B 39 19.28 6.86 -4.03
CA ASN B 39 17.93 6.30 -4.16
C ASN B 39 17.61 5.99 -5.61
N ALA B 40 18.08 6.82 -6.54
CA ALA B 40 17.89 6.53 -7.95
C ALA B 40 18.52 5.20 -8.33
N ILE B 41 19.76 4.98 -7.90
CA ILE B 41 20.44 3.71 -8.18
C ILE B 41 19.64 2.55 -7.59
N LYS B 42 19.30 2.66 -6.30
CA LYS B 42 18.60 1.57 -5.63
C LYS B 42 17.29 1.25 -6.35
N GLY B 43 16.53 2.28 -6.71
CA GLY B 43 15.22 2.04 -7.29
C GLY B 43 15.27 1.57 -8.73
N MET B 44 16.25 2.03 -9.51
CA MET B 44 16.40 1.48 -10.85
C MET B 44 16.75 0.00 -10.78
N LEU B 45 17.65 -0.38 -9.87
CA LEU B 45 17.97 -1.79 -9.72
C LEU B 45 16.76 -2.59 -9.24
N SER B 46 16.00 -2.03 -8.29
CA SER B 46 14.82 -2.73 -7.78
C SER B 46 13.78 -2.93 -8.88
N ASN B 47 13.43 -1.87 -9.59
CA ASN B 47 12.41 -1.96 -10.63
C ASN B 47 12.85 -2.86 -11.78
N LEU B 48 14.15 -2.85 -12.09
CA LEU B 48 14.62 -3.67 -13.22
C LEU B 48 14.37 -5.15 -12.95
N ASP B 49 14.78 -5.65 -11.80
CA ASP B 49 14.63 -7.06 -11.47
C ASP B 49 14.53 -7.22 -9.95
N PRO B 50 13.41 -7.74 -9.43
CA PRO B 50 13.25 -7.76 -7.96
C PRO B 50 14.38 -8.42 -7.21
N HIS B 51 14.95 -9.51 -7.74
CA HIS B 51 16.01 -10.21 -7.02
C HIS B 51 17.29 -9.39 -6.97
N SER B 52 17.48 -8.46 -7.92
CA SER B 52 18.70 -7.67 -7.93
C SER B 52 18.68 -6.61 -6.86
N ALA B 53 19.86 -6.23 -6.38
CA ALA B 53 20.00 -5.25 -5.31
C ALA B 53 21.35 -4.57 -5.42
N TYR B 54 21.50 -3.46 -4.70
CA TYR B 54 22.73 -2.67 -4.71
C TYR B 54 23.42 -2.83 -3.36
N LEU B 55 24.39 -3.75 -3.29
CA LEU B 55 25.11 -4.00 -2.05
C LEU B 55 26.23 -2.95 -1.91
N GLY B 56 26.04 -2.02 -1.00
CA GLY B 56 27.01 -0.95 -0.79
C GLY B 56 28.20 -1.43 0.01
N PRO B 57 29.02 -0.49 0.49
CA PRO B 57 30.24 -0.90 1.21
C PRO B 57 29.97 -1.76 2.42
N GLU B 58 29.09 -1.31 3.33
CA GLU B 58 28.81 -2.10 4.52
C GLU B 58 28.14 -3.43 4.16
N ASP B 59 27.22 -3.40 3.20
CA ASP B 59 26.57 -4.64 2.77
C ASP B 59 27.57 -5.57 2.10
N PHE B 60 28.50 -5.01 1.31
CA PHE B 60 29.54 -5.84 0.71
C PHE B 60 30.40 -6.49 1.78
N ALA B 61 30.78 -5.73 2.81
CA ALA B 61 31.57 -6.30 3.89
C ALA B 61 30.80 -7.41 4.60
N GLU B 62 29.50 -7.18 4.85
CA GLU B 62 28.68 -8.21 5.49
C GLU B 62 28.62 -9.47 4.63
N LEU B 63 28.46 -9.31 3.32
CA LEU B 63 28.41 -10.46 2.43
C LEU B 63 29.74 -11.18 2.36
N GLN B 64 30.85 -10.46 2.54
CA GLN B 64 32.17 -11.09 2.43
C GLN B 64 32.35 -12.19 3.47
N GLU B 65 31.92 -11.94 4.70
CA GLU B 65 32.04 -12.91 5.78
C GLU B 65 30.72 -13.00 6.55
N SER B 66 30.34 -14.21 6.92
CA SER B 66 29.12 -14.41 7.68
C SER B 66 29.25 -13.80 9.07
N THR B 67 28.19 -13.11 9.51
CA THR B 67 28.21 -12.44 10.80
C THR B 67 28.39 -13.44 11.94
N SER B 68 27.42 -14.34 12.10
CA SER B 68 27.47 -15.32 13.18
C SER B 68 26.53 -16.47 12.85
N GLY B 69 26.80 -17.62 13.48
CA GLY B 69 25.94 -18.78 13.35
C GLY B 69 24.76 -18.80 14.29
N GLU B 70 24.72 -17.90 15.27
CA GLU B 70 23.61 -17.88 16.21
C GLU B 70 22.29 -17.54 15.51
N PHE B 71 22.33 -16.61 14.57
CA PHE B 71 21.10 -16.19 13.90
C PHE B 71 20.43 -17.39 13.23
N GLY B 72 19.12 -17.51 13.43
CA GLY B 72 18.36 -18.58 12.84
C GLY B 72 17.57 -18.14 11.63
N GLY B 73 16.28 -17.89 11.83
CA GLY B 73 15.41 -17.44 10.75
C GLY B 73 14.20 -18.34 10.56
N LEU B 74 13.16 -17.82 9.92
CA LEU B 74 11.96 -18.62 9.71
C LEU B 74 12.25 -19.82 8.83
N GLY B 75 13.06 -19.63 7.79
CA GLY B 75 13.48 -20.70 6.90
C GLY B 75 12.78 -20.68 5.55
N ILE B 76 11.56 -20.15 5.50
CA ILE B 76 10.85 -20.05 4.22
C ILE B 76 11.71 -19.29 3.22
N GLU B 77 11.70 -19.76 1.98
CA GLU B 77 12.34 -19.06 0.87
C GLU B 77 11.26 -18.40 0.04
N VAL B 78 11.43 -17.10 -0.22
CA VAL B 78 10.39 -16.25 -0.76
C VAL B 78 10.84 -15.72 -2.12
N GLY B 79 9.88 -15.13 -2.85
CA GLY B 79 10.14 -14.52 -4.13
C GLY B 79 9.16 -13.39 -4.40
N SER B 80 9.67 -12.28 -4.97
CA SER B 80 8.89 -11.08 -5.18
C SER B 80 8.28 -11.00 -6.58
N GLU B 81 7.94 -12.15 -7.17
CA GLU B 81 7.41 -12.16 -8.53
C GLU B 81 5.98 -11.65 -8.60
N ASP B 82 5.24 -11.66 -7.49
CA ASP B 82 3.84 -11.27 -7.48
C ASP B 82 3.64 -9.83 -7.02
N GLY B 83 4.71 -9.08 -6.79
CA GLY B 83 4.62 -7.74 -6.26
C GLY B 83 4.70 -7.66 -4.75
N PHE B 84 4.45 -8.77 -4.06
CA PHE B 84 4.66 -8.90 -2.63
C PHE B 84 5.68 -9.99 -2.38
N ILE B 85 6.07 -10.15 -1.13
CA ILE B 85 7.04 -11.19 -0.75
C ILE B 85 6.27 -12.50 -0.69
N LYS B 86 6.27 -13.25 -1.79
CA LYS B 86 5.55 -14.51 -1.88
C LYS B 86 6.42 -15.64 -1.34
N VAL B 87 5.80 -16.55 -0.60
CA VAL B 87 6.50 -17.69 -0.02
C VAL B 87 6.62 -18.75 -1.10
N VAL B 88 7.80 -18.86 -1.71
CA VAL B 88 8.02 -19.88 -2.73
C VAL B 88 8.00 -21.27 -2.11
N SER B 89 8.67 -21.43 -0.96
CA SER B 89 8.75 -22.75 -0.36
C SER B 89 9.05 -22.70 1.13
N PRO B 90 8.20 -23.30 1.98
CA PRO B 90 8.58 -23.53 3.38
C PRO B 90 9.45 -24.76 3.51
N ILE B 91 10.73 -24.56 3.83
CA ILE B 91 11.66 -25.67 3.91
C ILE B 91 11.18 -26.68 4.92
N ASP B 92 11.32 -27.97 4.60
CA ASP B 92 10.89 -29.03 5.48
C ASP B 92 11.77 -29.07 6.74
N ASP B 93 11.19 -29.55 7.83
CA ASP B 93 11.90 -29.63 9.12
C ASP B 93 12.31 -28.24 9.59
N THR B 94 11.30 -27.36 9.72
CA THR B 94 11.52 -25.97 10.07
C THR B 94 10.23 -25.42 10.66
N PRO B 95 10.31 -24.53 11.64
CA PRO B 95 9.07 -24.01 12.24
C PRO B 95 8.10 -23.40 11.24
N ALA B 96 8.60 -22.77 10.18
CA ALA B 96 7.70 -22.20 9.18
C ALA B 96 6.85 -23.28 8.52
N ALA B 97 7.46 -24.42 8.19
CA ALA B 97 6.70 -25.52 7.60
C ALA B 97 5.68 -26.06 8.59
N ARG B 98 6.07 -26.22 9.86
CA ARG B 98 5.15 -26.73 10.86
C ARG B 98 3.95 -25.81 11.07
N ALA B 99 4.08 -24.53 10.76
CA ALA B 99 2.97 -23.59 10.87
C ALA B 99 2.06 -23.76 9.64
N GLY B 100 1.14 -22.81 9.46
CA GLY B 100 0.21 -22.86 8.36
C GLY B 100 0.72 -22.28 7.05
N ILE B 101 2.02 -22.03 6.95
CA ILE B 101 2.59 -21.45 5.74
C ILE B 101 2.64 -22.51 4.65
N GLN B 102 2.05 -22.19 3.50
CA GLN B 102 2.01 -23.07 2.35
C GLN B 102 2.59 -22.35 1.13
N PRO B 103 3.37 -23.04 0.30
CA PRO B 103 3.99 -22.34 -0.84
C PRO B 103 2.94 -21.72 -1.75
N GLY B 104 3.25 -20.52 -2.25
CA GLY B 104 2.36 -19.79 -3.11
C GLY B 104 1.55 -18.70 -2.43
N ASP B 105 1.57 -18.64 -1.11
CA ASP B 105 0.85 -17.61 -0.37
C ASP B 105 1.74 -16.39 -0.14
N LEU B 106 1.12 -15.22 -0.11
CA LEU B 106 1.84 -13.98 0.01
C LEU B 106 2.11 -13.64 1.48
N ILE B 107 2.98 -12.66 1.68
CA ILE B 107 3.28 -12.10 2.99
C ILE B 107 3.11 -10.60 2.89
N VAL B 108 2.01 -10.07 3.43
CA VAL B 108 1.74 -8.64 3.31
C VAL B 108 2.56 -7.84 4.31
N GLN B 109 2.57 -8.27 5.57
CA GLN B 109 3.29 -7.59 6.62
C GLN B 109 4.08 -8.58 7.45
N ILE B 110 5.22 -8.12 7.97
CA ILE B 110 6.04 -8.88 8.90
C ILE B 110 6.20 -8.05 10.17
N ASP B 111 5.95 -8.67 11.31
CA ASP B 111 5.99 -7.99 12.61
C ASP B 111 5.36 -6.61 12.55
N GLY B 112 4.25 -6.49 11.84
CA GLY B 112 3.49 -5.26 11.78
C GLY B 112 3.92 -4.27 10.72
N LYS B 113 5.02 -4.53 10.01
CA LYS B 113 5.50 -3.62 8.99
C LYS B 113 5.07 -4.12 7.62
N PRO B 114 4.23 -3.38 6.88
CA PRO B 114 3.85 -3.84 5.54
C PRO B 114 5.05 -3.96 4.63
N THR B 115 4.98 -4.93 3.73
CA THR B 115 6.03 -5.19 2.75
C THR B 115 5.50 -4.97 1.32
N LYS B 116 4.69 -3.93 1.13
CA LYS B 116 4.13 -3.68 -0.19
C LYS B 116 5.21 -3.21 -1.16
N GLY B 117 6.19 -2.44 -0.68
CA GLY B 117 7.18 -1.85 -1.55
C GLY B 117 8.62 -2.20 -1.21
N GLN B 118 8.87 -2.64 0.02
CA GLN B 118 10.24 -2.90 0.44
C GLN B 118 10.82 -4.08 -0.34
N SER B 119 12.15 -4.07 -0.48
CA SER B 119 12.84 -5.06 -1.29
C SER B 119 12.82 -6.42 -0.61
N MET B 120 13.02 -7.47 -1.42
CA MET B 120 13.06 -8.83 -0.89
C MET B 120 14.21 -9.00 0.10
N THR B 121 15.37 -8.41 -0.21
CA THR B 121 16.52 -8.54 0.68
C THR B 121 16.23 -7.94 2.05
N GLU B 122 15.60 -6.77 2.09
CA GLU B 122 15.27 -6.15 3.37
C GLU B 122 14.31 -7.02 4.18
N ALA B 123 13.28 -7.56 3.52
CA ALA B 123 12.32 -8.39 4.22
C ALA B 123 13.00 -9.65 4.77
N VAL B 124 13.84 -10.29 3.96
CA VAL B 124 14.53 -11.49 4.41
C VAL B 124 15.45 -11.17 5.59
N ASP B 125 16.19 -10.07 5.50
CA ASP B 125 17.08 -9.69 6.59
C ASP B 125 16.32 -9.43 7.87
N SER B 126 15.18 -8.72 7.77
CA SER B 126 14.35 -8.50 8.95
C SER B 126 13.78 -9.81 9.48
N MET B 127 13.58 -10.79 8.59
CA MET B 127 13.03 -12.08 9.02
C MET B 127 13.99 -12.77 9.98
N ARG B 128 15.28 -12.79 9.64
CA ARG B 128 16.27 -13.48 10.47
C ARG B 128 16.44 -12.76 11.80
N GLY B 129 16.67 -13.53 12.86
CA GLY B 129 16.84 -12.94 14.17
C GLY B 129 17.42 -13.94 15.14
N LYS B 130 17.39 -13.56 16.42
CA LYS B 130 17.96 -14.41 17.46
C LYS B 130 17.09 -15.63 17.69
N ALA B 131 17.71 -16.70 18.19
CA ALA B 131 17.01 -17.95 18.41
C ALA B 131 15.89 -17.78 19.43
N GLY B 132 14.72 -18.34 19.12
CA GLY B 132 13.58 -18.30 20.01
C GLY B 132 12.79 -17.02 19.99
N SER B 133 13.13 -16.07 19.13
CA SER B 133 12.41 -14.81 19.08
C SER B 133 11.04 -15.02 18.44
N PRO B 134 9.96 -14.57 19.07
CA PRO B 134 8.65 -14.61 18.40
C PRO B 134 8.55 -13.59 17.28
N ILE B 135 7.63 -13.87 16.36
CA ILE B 135 7.38 -12.98 15.22
C ILE B 135 5.97 -13.26 14.71
N THR B 136 5.34 -12.24 14.16
CA THR B 136 4.00 -12.34 13.60
C THR B 136 4.05 -11.98 12.12
N LEU B 137 3.52 -12.87 11.29
CA LEU B 137 3.47 -12.67 9.85
C LEU B 137 2.02 -12.61 9.40
N THR B 138 1.68 -11.60 8.60
CA THR B 138 0.37 -11.49 8.00
C THR B 138 0.43 -12.11 6.61
N ILE B 139 -0.31 -13.20 6.41
CA ILE B 139 -0.22 -14.02 5.21
C ILE B 139 -1.56 -13.97 4.48
N VAL B 140 -1.53 -13.60 3.21
CA VAL B 140 -2.70 -13.64 2.34
C VAL B 140 -2.70 -14.97 1.62
N ARG B 141 -3.62 -15.85 1.99
CA ARG B 141 -3.68 -17.22 1.49
C ARG B 141 -4.56 -17.24 0.25
N ASP B 142 -3.93 -17.34 -0.93
CA ASP B 142 -4.65 -17.46 -2.19
C ASP B 142 -5.67 -16.34 -2.37
N GLY B 143 -5.28 -15.13 -1.99
CA GLY B 143 -6.17 -13.99 -2.09
C GLY B 143 -7.27 -13.93 -1.05
N GLY B 144 -7.17 -14.73 0.01
CA GLY B 144 -8.18 -14.75 1.05
C GLY B 144 -7.97 -13.66 2.07
N ARG B 145 -8.73 -13.74 3.15
CA ARG B 145 -8.64 -12.75 4.21
C ARG B 145 -7.27 -12.83 4.89
N PRO B 146 -6.55 -11.72 5.03
CA PRO B 146 -5.27 -11.77 5.74
C PRO B 146 -5.45 -12.25 7.17
N PHE B 147 -4.48 -13.02 7.64
CA PHE B 147 -4.50 -13.55 9.00
C PHE B 147 -3.09 -13.48 9.58
N ASP B 148 -3.01 -13.44 10.91
CA ASP B 148 -1.75 -13.35 11.63
C ASP B 148 -1.31 -14.74 12.06
N VAL B 149 -0.04 -15.05 11.83
CA VAL B 149 0.56 -16.32 12.24
C VAL B 149 1.76 -16.00 13.13
N GLU B 150 1.77 -16.59 14.32
CA GLU B 150 2.84 -16.39 15.29
C GLU B 150 3.82 -17.57 15.19
N LEU B 151 5.10 -17.25 15.06
CA LEU B 151 6.14 -18.26 14.91
C LEU B 151 7.31 -17.89 15.81
N LYS B 152 8.12 -18.89 16.16
CA LYS B 152 9.30 -18.71 16.99
C LYS B 152 10.52 -19.05 16.15
N ARG B 153 11.28 -18.04 15.74
CA ARG B 153 12.45 -18.27 14.91
C ARG B 153 13.54 -18.98 15.70
N ALA B 154 14.26 -19.87 15.02
CA ALA B 154 15.33 -20.63 15.66
C ALA B 154 16.34 -21.05 14.60
N ILE B 155 17.46 -21.60 15.06
CA ILE B 155 18.50 -22.06 14.14
C ILE B 155 17.94 -23.18 13.28
N ILE B 156 18.24 -23.12 11.98
CA ILE B 156 17.74 -24.09 11.01
C ILE B 156 18.87 -25.05 10.65
N LYS B 157 18.60 -26.35 10.80
CA LYS B 157 19.57 -27.39 10.45
C LYS B 157 18.76 -28.58 9.95
N VAL B 158 18.60 -28.68 8.63
CA VAL B 158 17.74 -29.66 7.99
C VAL B 158 18.59 -30.76 7.41
N LYS B 159 18.33 -32.00 7.80
CA LYS B 159 18.98 -33.14 7.18
C LYS B 159 18.66 -33.14 5.68
N SER B 160 19.70 -33.29 4.86
CA SER B 160 19.52 -33.09 3.42
C SER B 160 18.62 -34.16 2.81
N VAL B 161 18.92 -35.43 3.09
CA VAL B 161 18.28 -36.54 2.38
C VAL B 161 17.69 -37.52 3.38
N LYS B 162 16.67 -38.24 2.94
CA LYS B 162 15.95 -39.19 3.77
C LYS B 162 15.50 -40.35 2.88
N SER B 163 16.05 -41.53 3.10
CA SER B 163 15.78 -42.70 2.26
C SER B 163 14.94 -43.70 3.05
N GLN B 164 13.74 -43.98 2.56
CA GLN B 164 12.86 -44.98 3.12
C GLN B 164 12.58 -46.07 2.08
N VAL B 165 11.91 -47.12 2.53
CA VAL B 165 11.50 -48.24 1.67
C VAL B 165 9.99 -48.37 1.80
N LEU B 166 9.24 -47.83 0.84
CA LEU B 166 7.79 -47.90 0.88
C LEU B 166 7.26 -49.32 0.78
N GLU B 167 8.03 -50.22 0.17
CA GLU B 167 7.59 -51.59 -0.04
C GLU B 167 8.80 -52.40 -0.49
N PRO B 168 8.93 -53.68 -0.10
CA PRO B 168 10.10 -54.46 -0.55
C PRO B 168 10.29 -54.37 -2.06
N GLY B 169 11.40 -53.74 -2.46
CA GLY B 169 11.70 -53.51 -3.87
C GLY B 169 11.50 -52.08 -4.32
N TYR B 170 10.85 -51.24 -3.52
CA TYR B 170 10.59 -49.85 -3.88
C TYR B 170 11.16 -48.93 -2.82
N ALA B 171 11.93 -47.94 -3.25
CA ALA B 171 12.55 -46.97 -2.34
C ALA B 171 11.78 -45.65 -2.39
N TYR B 172 12.28 -44.68 -1.61
CA TYR B 172 11.70 -43.34 -1.59
C TYR B 172 12.76 -42.41 -1.03
N LEU B 173 13.22 -41.48 -1.85
CA LEU B 173 14.31 -40.58 -1.48
C LEU B 173 13.78 -39.15 -1.43
N ARG B 174 13.61 -38.63 -0.22
CA ARG B 174 13.17 -37.26 -0.01
C ARG B 174 14.40 -36.38 0.13
N ILE B 175 14.43 -35.27 -0.60
CA ILE B 175 15.53 -34.32 -0.57
C ILE B 175 14.97 -33.01 -0.03
N THR B 176 15.20 -32.76 1.27
CA THR B 176 14.64 -31.59 1.90
C THR B 176 15.19 -30.31 1.29
N GLN B 177 16.52 -30.20 1.19
CA GLN B 177 17.15 -29.00 0.66
C GLN B 177 18.49 -29.38 0.06
N PHE B 178 18.87 -28.68 -1.00
CA PHE B 178 20.13 -28.96 -1.70
C PHE B 178 21.27 -28.20 -1.03
N GLN B 179 21.55 -28.59 0.22
CA GLN B 179 22.68 -28.05 0.94
C GLN B 179 23.98 -28.51 0.28
N VAL B 180 25.11 -28.05 0.82
CA VAL B 180 26.39 -28.55 0.36
C VAL B 180 26.49 -30.04 0.71
N ASN B 181 27.42 -30.72 0.04
CA ASN B 181 27.71 -32.14 0.27
C ASN B 181 26.49 -33.03 0.08
N THR B 182 25.43 -32.52 -0.56
CA THR B 182 24.25 -33.34 -0.79
C THR B 182 24.56 -34.52 -1.69
N GLY B 183 25.53 -34.37 -2.60
CA GLY B 183 25.85 -35.47 -3.50
C GLY B 183 26.38 -36.69 -2.76
N GLU B 184 27.29 -36.47 -1.82
CA GLU B 184 27.84 -37.59 -1.05
C GLU B 184 26.73 -38.32 -0.31
N GLU B 185 25.85 -37.57 0.36
CA GLU B 185 24.78 -38.19 1.13
C GLU B 185 23.81 -38.93 0.22
N VAL B 186 23.47 -38.35 -0.93
CA VAL B 186 22.55 -39.01 -1.85
C VAL B 186 23.15 -40.32 -2.36
N VAL B 187 24.43 -40.29 -2.73
CA VAL B 187 25.08 -41.49 -3.24
C VAL B 187 25.14 -42.56 -2.16
N LYS B 188 25.50 -42.17 -0.94
CA LYS B 188 25.59 -43.13 0.15
C LYS B 188 24.21 -43.72 0.46
N ALA B 189 23.17 -42.89 0.44
CA ALA B 189 21.82 -43.41 0.68
C ALA B 189 21.41 -44.38 -0.43
N LEU B 190 21.74 -44.06 -1.68
CA LEU B 190 21.42 -44.99 -2.75
C LEU B 190 22.16 -46.31 -2.56
N ASN B 191 23.42 -46.25 -2.14
CA ASN B 191 24.19 -47.48 -1.95
C ASN B 191 23.60 -48.33 -0.83
N GLN B 192 23.27 -47.70 0.30
CA GLN B 192 22.71 -48.46 1.42
C GLN B 192 21.35 -49.03 1.06
N LEU B 193 20.53 -48.28 0.32
CA LEU B 193 19.26 -48.81 -0.15
C LEU B 193 19.47 -50.01 -1.04
N ARG B 194 20.37 -49.88 -2.03
CA ARG B 194 20.66 -51.00 -2.92
C ARG B 194 21.07 -52.23 -2.12
N LYS B 195 21.88 -52.05 -1.07
CA LYS B 195 22.19 -53.17 -0.19
C LYS B 195 20.93 -53.71 0.46
N ASP B 196 20.03 -52.83 0.89
CA ASP B 196 18.84 -53.27 1.60
C ASP B 196 18.00 -54.22 0.76
N ASN B 197 17.86 -53.93 -0.54
CA ASN B 197 17.08 -54.74 -1.45
C ASN B 197 17.94 -55.69 -2.27
N LYS B 198 19.02 -56.21 -1.66
CA LYS B 198 19.84 -57.25 -2.28
C LYS B 198 20.39 -56.79 -3.64
N GLY B 199 20.81 -55.54 -3.70
CA GLY B 199 21.43 -55.03 -4.91
C GLY B 199 20.53 -54.99 -6.12
N ARG B 200 19.28 -54.60 -5.94
CA ARG B 200 18.34 -54.44 -7.05
C ARG B 200 17.10 -53.72 -6.55
N LEU B 201 16.62 -52.77 -7.34
CA LEU B 201 15.41 -52.03 -7.03
C LEU B 201 14.50 -51.98 -8.25
N LYS B 202 13.19 -51.87 -7.99
CA LYS B 202 12.20 -51.76 -9.05
C LYS B 202 11.67 -50.35 -9.22
N GLY B 203 12.01 -49.43 -8.32
CA GLY B 203 11.55 -48.07 -8.43
C GLY B 203 12.14 -47.22 -7.32
N LEU B 204 12.11 -45.90 -7.56
CA LEU B 204 12.67 -44.95 -6.59
C LEU B 204 11.94 -43.63 -6.79
N VAL B 205 11.03 -43.30 -5.88
CA VAL B 205 10.18 -42.12 -6.01
C VAL B 205 10.96 -40.96 -5.38
N LEU B 206 11.80 -40.33 -6.18
CA LEU B 206 12.58 -39.19 -5.71
C LEU B 206 11.64 -38.01 -5.48
N ASP B 207 11.54 -37.56 -4.22
CA ASP B 207 10.51 -36.61 -3.81
C ASP B 207 11.14 -35.22 -3.71
N LEU B 208 11.18 -34.51 -4.83
CA LEU B 208 11.65 -33.13 -4.87
C LEU B 208 10.46 -32.17 -4.92
N ARG B 209 9.73 -32.13 -3.80
CA ARG B 209 8.62 -31.19 -3.65
C ARG B 209 8.80 -30.38 -2.38
N ASN B 210 8.28 -29.16 -2.41
CA ASN B 210 8.50 -28.19 -1.32
C ASN B 210 9.99 -28.02 -1.06
N ASN B 211 10.77 -27.97 -2.15
CA ASN B 211 12.21 -27.85 -2.06
C ASN B 211 12.62 -26.44 -2.39
N PRO B 212 13.16 -25.66 -1.45
CA PRO B 212 13.59 -24.30 -1.75
C PRO B 212 14.91 -24.20 -2.52
N GLY B 213 15.43 -25.31 -3.04
CA GLY B 213 16.63 -25.26 -3.84
C GLY B 213 17.88 -25.12 -2.99
N GLY B 214 19.01 -24.98 -3.67
CA GLY B 214 20.28 -24.83 -2.99
C GLY B 214 21.46 -24.65 -3.92
N VAL B 215 22.57 -25.32 -3.60
CA VAL B 215 23.79 -25.15 -4.38
C VAL B 215 23.64 -25.86 -5.72
N LEU B 216 23.96 -25.14 -6.81
CA LEU B 216 23.82 -25.73 -8.13
C LEU B 216 24.78 -26.90 -8.34
N GLN B 217 25.95 -26.86 -7.71
CA GLN B 217 26.89 -27.97 -7.83
C GLN B 217 26.29 -29.25 -7.24
N SER B 218 25.65 -29.15 -6.08
CA SER B 218 25.02 -30.31 -5.48
C SER B 218 23.87 -30.83 -6.34
N ALA B 219 23.09 -29.91 -6.92
CA ALA B 219 22.02 -30.33 -7.82
C ALA B 219 22.56 -31.07 -9.03
N VAL B 220 23.67 -30.58 -9.59
CA VAL B 220 24.29 -31.26 -10.73
C VAL B 220 24.82 -32.62 -10.30
N GLU B 221 25.35 -32.73 -9.07
CA GLU B 221 25.79 -34.02 -8.57
C GLU B 221 24.63 -35.00 -8.48
N VAL B 222 23.50 -34.53 -7.94
CA VAL B 222 22.33 -35.41 -7.81
C VAL B 222 21.85 -35.85 -9.20
N ALA B 223 21.76 -34.91 -10.14
CA ALA B 223 21.34 -35.27 -11.48
C ALA B 223 22.33 -36.21 -12.16
N ASP B 224 23.62 -36.08 -11.83
CA ASP B 224 24.62 -37.01 -12.34
C ASP B 224 24.40 -38.41 -11.78
N ALA B 225 24.04 -38.51 -10.50
CA ALA B 225 23.88 -39.81 -9.87
C ALA B 225 22.96 -40.71 -10.69
N PHE B 226 21.88 -40.16 -11.24
CA PHE B 226 20.90 -40.93 -12.00
C PHE B 226 21.17 -40.96 -13.49
N LEU B 227 22.18 -40.25 -13.98
CA LEU B 227 22.43 -40.11 -15.40
C LEU B 227 23.84 -40.56 -15.76
N THR B 228 24.00 -40.98 -17.02
CA THR B 228 25.30 -41.34 -17.57
C THR B 228 25.61 -40.67 -18.90
N LYS B 229 24.61 -40.08 -19.56
CA LYS B 229 24.82 -39.40 -20.84
C LYS B 229 24.07 -38.08 -20.82
N GLY B 230 24.55 -37.14 -21.62
CA GLY B 230 23.90 -35.86 -21.81
C GLY B 230 24.29 -34.84 -20.75
N LEU B 231 23.84 -33.61 -20.98
CA LEU B 231 24.08 -32.50 -20.07
C LEU B 231 22.90 -32.34 -19.12
N ILE B 232 23.18 -31.73 -17.96
CA ILE B 232 22.16 -31.51 -16.94
C ILE B 232 21.52 -30.14 -17.16
N VAL B 233 22.33 -29.08 -17.09
CA VAL B 233 21.84 -27.72 -17.22
C VAL B 233 22.92 -26.90 -17.93
N TYR B 234 22.48 -25.93 -18.74
CA TYR B 234 23.40 -24.96 -19.32
C TYR B 234 22.79 -23.58 -19.20
N THR B 235 23.63 -22.59 -18.88
CA THR B 235 23.17 -21.24 -18.60
C THR B 235 23.23 -20.38 -19.85
N LYS B 236 22.60 -19.22 -19.79
CA LYS B 236 22.71 -18.24 -20.86
C LYS B 236 22.57 -16.83 -20.29
N GLY B 237 23.44 -15.94 -20.75
CA GLY B 237 23.42 -14.55 -20.34
C GLY B 237 24.29 -13.73 -21.26
N ARG B 238 24.09 -12.41 -21.21
CA ARG B 238 24.72 -11.53 -22.19
C ARG B 238 26.23 -11.45 -22.01
N ILE B 239 26.71 -11.45 -20.77
CA ILE B 239 28.16 -11.33 -20.58
C ILE B 239 28.86 -12.55 -21.15
N ALA B 240 30.17 -12.39 -21.40
CA ALA B 240 30.94 -13.47 -22.02
C ALA B 240 31.00 -14.70 -21.11
N ASN B 241 31.13 -14.49 -19.81
CA ASN B 241 31.27 -15.60 -18.86
C ASN B 241 29.93 -16.17 -18.42
N SER B 242 28.81 -15.68 -18.97
CA SER B 242 27.50 -16.13 -18.51
C SER B 242 27.31 -17.62 -18.76
N GLU B 243 27.72 -18.11 -19.92
CA GLU B 243 27.46 -19.50 -20.28
C GLU B 243 28.25 -20.44 -19.38
N LEU B 244 27.56 -21.42 -18.81
CA LEU B 244 28.17 -22.49 -18.04
C LEU B 244 27.45 -23.77 -18.36
N ARG B 245 28.17 -24.77 -18.86
CA ARG B 245 27.60 -26.04 -19.29
C ARG B 245 28.08 -27.13 -18.34
N PHE B 246 27.15 -27.98 -17.91
CA PHE B 246 27.44 -29.06 -16.97
C PHE B 246 27.22 -30.40 -17.65
N SER B 247 28.00 -31.39 -17.23
CA SER B 247 27.97 -32.73 -17.83
C SER B 247 27.70 -33.76 -16.75
N ALA B 248 27.35 -34.97 -17.18
CA ALA B 248 27.04 -36.07 -16.29
C ALA B 248 28.09 -37.16 -16.44
N ASP B 249 28.61 -37.64 -15.31
CA ASP B 249 29.64 -38.67 -15.34
C ASP B 249 29.02 -40.01 -15.71
N PRO B 250 29.74 -40.85 -16.47
CA PRO B 250 29.16 -42.16 -16.82
C PRO B 250 28.79 -43.00 -15.62
N ALA B 251 29.57 -42.94 -14.54
CA ALA B 251 29.26 -43.74 -13.35
C ALA B 251 27.93 -43.30 -12.76
N ASP B 252 27.16 -44.28 -12.28
CA ASP B 252 25.85 -44.01 -11.70
C ASP B 252 25.54 -45.00 -10.58
N PRO B 253 25.29 -44.53 -9.36
CA PRO B 253 24.81 -45.44 -8.30
C PRO B 253 23.32 -45.73 -8.38
N SER B 254 22.62 -45.22 -9.40
CA SER B 254 21.19 -45.49 -9.53
C SER B 254 20.92 -46.92 -9.95
N ASP B 255 21.76 -47.46 -10.84
CA ASP B 255 21.62 -48.83 -11.33
C ASP B 255 20.42 -48.99 -12.26
N LYS B 256 20.13 -47.96 -13.04
CA LYS B 256 19.09 -48.00 -14.08
C LYS B 256 17.71 -48.26 -13.50
N VAL B 257 17.49 -47.95 -12.22
CA VAL B 257 16.17 -48.15 -11.61
C VAL B 257 15.16 -47.22 -12.30
N PRO B 258 13.98 -47.72 -12.67
CA PRO B 258 12.94 -46.80 -13.15
C PRO B 258 12.60 -45.77 -12.07
N LEU B 259 12.35 -44.54 -12.50
CA LEU B 259 12.26 -43.41 -11.59
C LEU B 259 10.94 -42.68 -11.76
N VAL B 260 10.53 -42.01 -10.69
CA VAL B 260 9.38 -41.10 -10.71
C VAL B 260 9.68 -39.93 -9.78
N VAL B 261 9.82 -38.74 -10.36
CA VAL B 261 10.12 -37.53 -9.61
C VAL B 261 8.82 -36.78 -9.39
N LEU B 262 8.59 -36.35 -8.15
CA LEU B 262 7.37 -35.65 -7.78
C LEU B 262 7.64 -34.15 -7.70
N ILE B 263 6.83 -33.37 -8.38
CA ILE B 263 7.02 -31.93 -8.51
C ILE B 263 5.81 -31.23 -7.90
N ASN B 264 6.06 -30.41 -6.88
CA ASN B 264 5.03 -29.62 -6.23
C ASN B 264 5.29 -28.13 -6.50
N GLY B 265 4.23 -27.34 -6.36
CA GLY B 265 4.32 -25.91 -6.62
C GLY B 265 5.40 -25.19 -5.85
N GLY B 266 5.99 -25.84 -4.84
CA GLY B 266 7.06 -25.26 -4.05
C GLY B 266 8.45 -25.58 -4.53
N SER B 267 8.60 -26.11 -5.75
CA SER B 267 9.93 -26.41 -6.26
C SER B 267 10.69 -25.12 -6.55
N ALA B 268 12.01 -25.21 -6.43
CA ALA B 268 12.90 -24.06 -6.59
C ALA B 268 13.87 -24.32 -7.74
N ALA B 269 14.85 -23.43 -7.89
CA ALA B 269 15.75 -23.47 -9.04
C ALA B 269 16.51 -24.80 -9.10
N ALA B 270 17.17 -25.18 -8.01
CA ALA B 270 17.97 -26.40 -8.03
C ALA B 270 17.11 -27.63 -8.23
N ALA B 271 16.02 -27.75 -7.45
CA ALA B 271 15.08 -28.84 -7.66
C ALA B 271 14.54 -28.80 -9.08
N GLU B 272 14.29 -27.61 -9.61
CA GLU B 272 13.86 -27.50 -11.00
C GLU B 272 14.95 -28.00 -11.93
N ILE B 273 16.22 -27.70 -11.63
CA ILE B 273 17.31 -28.18 -12.47
C ILE B 273 17.30 -29.71 -12.53
N VAL B 274 17.23 -30.34 -11.36
CA VAL B 274 17.28 -31.81 -11.33
C VAL B 274 16.08 -32.39 -12.06
N ALA B 275 14.89 -31.87 -11.76
CA ALA B 275 13.67 -32.39 -12.36
C ALA B 275 13.68 -32.23 -13.87
N GLY B 276 14.07 -31.05 -14.35
CA GLY B 276 14.08 -30.81 -15.78
C GLY B 276 15.11 -31.66 -16.50
N ALA B 277 16.30 -31.79 -15.92
CA ALA B 277 17.31 -32.66 -16.55
C ALA B 277 16.78 -34.08 -16.66
N LEU B 278 16.26 -34.63 -15.55
CA LEU B 278 15.78 -36.00 -15.57
C LEU B 278 14.63 -36.18 -16.56
N GLN B 279 13.72 -35.22 -16.61
CA GLN B 279 12.57 -35.33 -17.51
C GLN B 279 13.02 -35.24 -18.97
N ASP B 280 13.83 -34.24 -19.30
CA ASP B 280 14.20 -34.02 -20.69
C ASP B 280 15.08 -35.16 -21.21
N GLN B 281 15.94 -35.72 -20.36
CA GLN B 281 16.76 -36.85 -20.78
C GLN B 281 15.99 -38.16 -20.82
N LYS B 282 14.67 -38.12 -20.69
CA LYS B 282 13.81 -39.29 -20.83
C LYS B 282 14.13 -40.37 -19.80
N ARG B 283 14.85 -40.02 -18.74
CA ARG B 283 15.26 -41.00 -17.73
C ARG B 283 14.36 -41.01 -16.50
N ALA B 284 13.31 -40.19 -16.47
CA ALA B 284 12.43 -40.12 -15.31
C ALA B 284 11.01 -39.83 -15.79
N ILE B 285 10.08 -39.81 -14.83
CA ILE B 285 8.67 -39.55 -15.09
C ILE B 285 8.19 -38.57 -14.02
N LEU B 286 8.09 -37.30 -14.37
CA LEU B 286 7.55 -36.31 -13.45
C LEU B 286 6.09 -36.64 -13.15
N MET B 287 5.71 -36.51 -11.88
CA MET B 287 4.41 -36.99 -11.42
C MET B 287 3.61 -36.01 -10.59
N GLY B 288 4.24 -35.02 -9.97
CA GLY B 288 3.54 -34.08 -9.11
C GLY B 288 2.86 -32.98 -9.91
N THR B 289 2.55 -31.89 -9.22
CA THR B 289 1.92 -30.74 -9.85
C THR B 289 2.98 -29.89 -10.55
N ASP B 290 2.58 -28.71 -11.02
CA ASP B 290 3.51 -27.83 -11.72
C ASP B 290 4.55 -27.28 -10.76
N SER B 291 5.70 -26.92 -11.32
CA SER B 291 6.79 -26.35 -10.53
C SER B 291 6.54 -24.86 -10.32
N PHE B 292 7.55 -24.14 -9.83
CA PHE B 292 7.41 -22.73 -9.54
C PHE B 292 7.84 -21.85 -10.70
N GLY B 293 9.02 -22.08 -11.25
CA GLY B 293 9.51 -21.31 -12.38
C GLY B 293 10.52 -20.25 -12.01
N LYS B 294 11.52 -20.60 -11.20
CA LYS B 294 12.61 -19.71 -10.86
C LYS B 294 13.92 -20.35 -11.33
N GLY B 295 14.63 -19.66 -12.23
CA GLY B 295 15.86 -20.17 -12.78
C GLY B 295 16.95 -19.13 -12.91
N SER B 296 16.64 -17.89 -12.59
CA SER B 296 17.63 -16.82 -12.72
C SER B 296 18.78 -17.03 -11.76
N VAL B 297 20.00 -16.72 -12.22
CA VAL B 297 21.21 -16.83 -11.41
C VAL B 297 21.77 -15.43 -11.22
N GLN B 298 22.02 -15.05 -9.97
CA GLN B 298 22.48 -13.72 -9.61
C GLN B 298 23.95 -13.77 -9.25
N THR B 299 24.75 -12.93 -9.89
CA THR B 299 26.19 -12.84 -9.64
C THR B 299 26.52 -11.42 -9.20
N VAL B 300 27.27 -11.31 -8.11
CA VAL B 300 27.62 -10.00 -7.56
C VAL B 300 28.73 -9.40 -8.44
N LEU B 301 28.41 -8.29 -9.10
CA LEU B 301 29.38 -7.62 -9.96
C LEU B 301 30.13 -6.56 -9.14
N PRO B 302 31.46 -6.67 -9.00
CA PRO B 302 32.19 -5.63 -8.27
C PRO B 302 32.01 -4.27 -8.92
N LEU B 303 31.91 -3.24 -8.08
CA LEU B 303 31.77 -1.87 -8.53
C LEU B 303 33.13 -1.18 -8.51
N ASN B 304 33.13 0.14 -8.72
CA ASN B 304 34.38 0.87 -8.91
C ASN B 304 35.24 0.85 -7.65
N ASN B 305 34.63 1.05 -6.47
CA ASN B 305 35.41 1.22 -5.24
C ASN B 305 34.59 0.66 -4.08
N ASP B 306 34.89 -0.56 -3.67
CA ASP B 306 34.31 -1.16 -2.46
C ASP B 306 32.79 -1.07 -2.48
N ARG B 307 32.20 -1.34 -3.64
CA ARG B 307 30.76 -1.48 -3.78
C ARG B 307 30.49 -2.60 -4.78
N ALA B 308 29.25 -3.08 -4.78
CA ALA B 308 28.87 -4.09 -5.74
C ALA B 308 27.35 -4.08 -5.91
N LEU B 309 26.88 -4.71 -6.97
CA LEU B 309 25.46 -4.87 -7.21
C LEU B 309 25.18 -6.28 -7.66
N LYS B 310 24.20 -6.92 -7.01
CA LYS B 310 23.78 -8.27 -7.36
C LYS B 310 22.72 -8.15 -8.45
N LEU B 311 23.06 -8.63 -9.65
CA LEU B 311 22.19 -8.52 -10.80
C LEU B 311 22.03 -9.90 -11.43
N THR B 312 20.84 -10.16 -11.98
CA THR B 312 20.55 -11.47 -12.56
C THR B 312 21.35 -11.61 -13.84
N THR B 313 22.52 -12.24 -13.73
CA THR B 313 23.48 -12.24 -14.82
C THR B 313 23.19 -13.29 -15.89
N ALA B 314 22.45 -14.34 -15.56
CA ALA B 314 22.14 -15.38 -16.52
C ALA B 314 20.91 -16.14 -16.01
N LEU B 315 20.36 -16.96 -16.89
CA LEU B 315 19.27 -17.85 -16.52
C LEU B 315 19.56 -19.26 -17.03
N TYR B 316 19.03 -20.25 -16.31
CA TYR B 316 19.31 -21.65 -16.57
C TYR B 316 18.50 -22.15 -17.76
N TYR B 317 18.94 -23.29 -18.30
CA TYR B 317 18.20 -23.97 -19.37
C TYR B 317 18.39 -25.46 -19.18
N THR B 318 17.29 -26.20 -19.30
CA THR B 318 17.31 -27.65 -19.31
C THR B 318 17.97 -28.12 -20.61
N PRO B 319 18.36 -29.39 -20.70
CA PRO B 319 19.10 -29.84 -21.88
C PRO B 319 18.41 -29.51 -23.20
N ASN B 320 17.08 -29.42 -23.21
CA ASN B 320 16.35 -29.00 -24.40
C ASN B 320 16.32 -27.47 -24.44
N GLY B 321 15.52 -26.91 -25.36
CA GLY B 321 15.43 -25.47 -25.48
C GLY B 321 14.58 -24.81 -24.41
N ARG B 322 13.78 -25.59 -23.69
CA ARG B 322 12.92 -25.03 -22.65
C ARG B 322 13.76 -24.35 -21.58
N SER B 323 13.35 -23.15 -21.19
CA SER B 323 13.97 -22.41 -20.11
C SER B 323 13.10 -22.51 -18.86
N ILE B 324 13.69 -22.97 -17.76
CA ILE B 324 12.89 -23.25 -16.57
C ILE B 324 12.29 -21.96 -16.01
N GLN B 325 13.04 -20.86 -16.05
CA GLN B 325 12.53 -19.61 -15.47
C GLN B 325 11.28 -19.14 -16.20
N ALA B 326 11.27 -19.24 -17.53
CA ALA B 326 10.15 -18.71 -18.31
C ALA B 326 8.87 -19.47 -18.03
N GLN B 327 8.92 -20.80 -18.09
CA GLN B 327 7.73 -21.63 -17.96
C GLN B 327 7.78 -22.62 -16.81
N GLY B 328 8.90 -22.74 -16.12
CA GLY B 328 9.02 -23.75 -15.09
C GLY B 328 9.11 -25.14 -15.68
N ILE B 329 8.87 -26.13 -14.83
CA ILE B 329 8.88 -27.54 -15.21
C ILE B 329 7.44 -28.03 -15.21
N VAL B 330 6.99 -28.55 -16.35
CA VAL B 330 5.63 -29.05 -16.51
C VAL B 330 5.68 -30.58 -16.41
N PRO B 331 5.13 -31.17 -15.36
CA PRO B 331 5.23 -32.63 -15.22
C PRO B 331 4.43 -33.37 -16.27
N ASP B 332 4.89 -34.57 -16.61
CA ASP B 332 4.17 -35.40 -17.58
C ASP B 332 2.79 -35.76 -17.06
N ILE B 333 2.69 -36.14 -15.79
CA ILE B 333 1.43 -36.53 -15.17
C ILE B 333 1.17 -35.58 -14.00
N GLU B 334 0.01 -34.95 -14.01
CA GLU B 334 -0.38 -33.98 -12.98
C GLU B 334 -1.30 -34.66 -11.99
N VAL B 335 -0.80 -34.90 -10.77
CA VAL B 335 -1.58 -35.50 -9.70
C VAL B 335 -1.65 -34.48 -8.56
N GLY B 336 -2.86 -34.09 -8.19
CA GLY B 336 -3.05 -33.12 -7.13
C GLY B 336 -2.93 -33.73 -5.75
N ARG B 337 -1.98 -33.23 -4.96
CA ARG B 337 -1.78 -33.77 -3.62
C ARG B 337 -3.05 -33.63 -2.79
N ALA B 338 -3.38 -34.68 -2.04
CA ALA B 338 -4.54 -34.67 -1.17
C ALA B 338 -4.46 -35.89 -0.26
N LYS B 339 -5.27 -35.87 0.79
CA LYS B 339 -5.36 -37.04 1.66
C LYS B 339 -6.03 -38.19 0.92
N VAL B 340 -5.70 -39.41 1.35
CA VAL B 340 -6.22 -40.61 0.71
C VAL B 340 -7.72 -40.52 0.50
N ARG B 379 2.43 -46.26 6.38
CA ARG B 379 3.51 -45.94 5.45
C ARG B 379 3.36 -44.52 4.90
N PRO B 380 4.43 -43.97 4.35
CA PRO B 380 4.29 -42.67 3.66
C PRO B 380 3.32 -42.73 2.50
N GLN B 381 3.17 -43.90 1.87
CA GLN B 381 2.23 -44.03 0.77
C GLN B 381 0.81 -43.73 1.22
N ASP B 382 0.43 -44.23 2.40
CA ASP B 382 -0.94 -44.08 2.88
C ASP B 382 -1.25 -42.66 3.33
N SER B 383 -0.25 -41.77 3.38
CA SER B 383 -0.46 -40.41 3.88
C SER B 383 -0.95 -39.47 2.78
N ASP B 384 -0.18 -39.34 1.70
CA ASP B 384 -0.49 -38.39 0.63
C ASP B 384 -0.91 -39.13 -0.63
N TYR B 385 -1.73 -38.43 -1.44
CA TYR B 385 -2.25 -39.04 -2.66
C TYR B 385 -1.18 -39.11 -3.75
N GLN B 386 -0.33 -38.08 -3.85
CA GLN B 386 0.70 -38.06 -4.88
C GLN B 386 1.62 -39.27 -4.76
N LEU B 387 2.12 -39.53 -3.55
CA LEU B 387 3.06 -40.62 -3.35
C LEU B 387 2.41 -41.97 -3.66
N SER B 388 1.16 -42.15 -3.23
CA SER B 388 0.46 -43.40 -3.51
C SER B 388 0.27 -43.59 -5.01
N GLN B 389 -0.12 -42.53 -5.71
CA GLN B 389 -0.26 -42.63 -7.16
C GLN B 389 1.06 -42.99 -7.82
N ALA B 390 2.15 -42.36 -7.38
CA ALA B 390 3.45 -42.64 -7.97
C ALA B 390 3.87 -44.08 -7.73
N LEU B 391 3.69 -44.58 -6.51
CA LEU B 391 4.10 -45.96 -6.22
C LEU B 391 3.25 -46.95 -7.00
N SER B 392 1.94 -46.70 -7.10
CA SER B 392 1.08 -47.57 -7.89
C SER B 392 1.50 -47.55 -9.36
N LEU B 393 1.84 -46.38 -9.88
CA LEU B 393 2.30 -46.31 -11.27
C LEU B 393 3.58 -47.10 -11.44
N LEU B 394 4.51 -47.00 -10.49
CA LEU B 394 5.76 -47.75 -10.61
C LEU B 394 5.48 -49.25 -10.60
N LYS B 395 4.61 -49.72 -9.70
CA LYS B 395 4.29 -51.14 -9.66
C LYS B 395 3.64 -51.59 -10.97
N GLY B 396 2.70 -50.79 -11.50
CA GLY B 396 2.05 -51.16 -12.74
C GLY B 396 3.02 -51.20 -13.91
N LEU B 397 3.93 -50.21 -13.97
CA LEU B 397 4.93 -50.20 -15.03
C LEU B 397 5.83 -51.43 -14.94
N SER B 398 6.28 -51.77 -13.73
CA SER B 398 7.12 -52.94 -13.57
C SER B 398 6.40 -54.19 -14.05
N VAL B 399 5.14 -54.36 -13.65
CA VAL B 399 4.41 -55.56 -14.03
C VAL B 399 4.18 -55.60 -15.54
N THR B 400 3.79 -54.46 -16.14
CA THR B 400 3.40 -54.45 -17.54
C THR B 400 4.58 -54.42 -18.50
N ARG B 401 5.79 -54.12 -18.02
CA ARG B 401 6.95 -54.20 -18.91
C ARG B 401 7.33 -55.63 -19.25
N GLY B 402 6.75 -56.62 -18.59
CA GLY B 402 7.13 -57.99 -18.82
C GLY B 402 8.26 -58.43 -17.90
N ASN B 403 8.03 -59.49 -17.14
CA ASN B 403 9.00 -59.99 -16.16
C ASN B 403 9.75 -58.86 -15.47
N LYS C 14 16.20 1.50 -32.09
CA LYS C 14 16.19 2.71 -32.91
C LYS C 14 16.89 3.86 -32.19
N TYR C 15 16.93 3.78 -30.86
CA TYR C 15 17.60 4.78 -30.04
C TYR C 15 19.03 4.35 -29.75
N GLY C 16 19.98 5.21 -30.03
CA GLY C 16 21.35 4.96 -29.64
C GLY C 16 21.48 4.75 -28.14
N SER C 17 22.67 4.34 -27.74
CA SER C 17 22.97 4.06 -26.34
C SER C 17 24.15 4.90 -25.89
N PHE C 18 23.98 5.60 -24.77
CA PHE C 18 25.06 6.39 -24.21
C PHE C 18 26.24 5.50 -23.85
N SER C 19 27.44 5.94 -24.20
CA SER C 19 28.62 5.40 -23.57
C SER C 19 28.68 5.88 -22.12
N GLU C 20 29.54 5.26 -21.33
CA GLU C 20 29.67 5.66 -19.93
C GLU C 20 30.08 7.11 -19.82
N ASP C 21 31.13 7.50 -20.56
CA ASP C 21 31.65 8.85 -20.44
C ASP C 21 30.67 9.88 -20.99
N SER C 22 30.02 9.58 -22.12
CA SER C 22 29.03 10.50 -22.66
C SER C 22 27.88 10.69 -21.69
N LEU C 23 27.37 9.60 -21.11
CA LEU C 23 26.29 9.70 -20.14
C LEU C 23 26.70 10.56 -18.95
N TYR C 24 27.87 10.27 -18.38
CA TYR C 24 28.31 11.02 -17.20
C TYR C 24 28.51 12.50 -17.53
N SER C 25 29.14 12.79 -18.67
CA SER C 25 29.39 14.18 -19.03
C SER C 25 28.10 14.94 -19.27
N LEU C 26 27.13 14.31 -19.95
CA LEU C 26 25.87 14.99 -20.19
C LEU C 26 25.09 15.19 -18.90
N LEU C 27 25.11 14.21 -18.00
CA LEU C 27 24.44 14.37 -16.71
C LEU C 27 25.02 15.54 -15.94
N VAL C 28 26.36 15.58 -15.81
CA VAL C 28 26.97 16.67 -15.05
C VAL C 28 26.77 17.99 -15.77
N ALA C 29 26.74 17.99 -17.11
CA ALA C 29 26.47 19.23 -17.84
C ALA C 29 25.07 19.75 -17.56
N GLU C 30 24.08 18.86 -17.54
CA GLU C 30 22.72 19.28 -17.22
C GLU C 30 22.64 19.82 -15.79
N LEU C 31 23.29 19.13 -14.86
CA LEU C 31 23.28 19.61 -13.48
C LEU C 31 23.92 20.99 -13.37
N ALA C 32 25.06 21.19 -14.05
CA ALA C 32 25.71 22.50 -14.02
C ALA C 32 24.83 23.58 -14.65
N GLY C 33 24.19 23.25 -15.77
CA GLY C 33 23.32 24.23 -16.42
C GLY C 33 22.15 24.62 -15.54
N GLN C 34 21.62 23.67 -14.77
CA GLN C 34 20.52 24.00 -13.87
C GLN C 34 21.01 24.74 -12.62
N ARG C 35 22.24 24.49 -12.19
CA ARG C 35 22.82 25.22 -11.05
C ARG C 35 23.44 26.56 -11.48
N ASN C 36 23.17 27.02 -12.69
CA ASN C 36 23.61 28.29 -13.24
C ASN C 36 25.09 28.29 -13.63
N ARG C 37 25.83 27.20 -13.39
CA ARG C 37 27.19 27.09 -13.88
C ARG C 37 27.14 26.72 -15.36
N PHE C 38 26.77 27.69 -16.20
CA PHE C 38 26.47 27.38 -17.60
C PHE C 38 27.72 27.08 -18.41
N ASP C 39 28.87 27.61 -18.00
CA ASP C 39 30.11 27.37 -18.74
C ASP C 39 30.47 25.89 -18.73
N ILE C 40 30.33 25.24 -17.58
CA ILE C 40 30.59 23.80 -17.51
C ILE C 40 29.67 23.05 -18.47
N ALA C 41 28.39 23.42 -18.49
CA ALA C 41 27.45 22.76 -19.38
C ALA C 41 27.86 22.93 -20.84
N LEU C 42 28.22 24.15 -21.23
CA LEU C 42 28.60 24.38 -22.62
C LEU C 42 29.86 23.61 -22.98
N SER C 43 30.86 23.60 -22.10
CA SER C 43 32.09 22.88 -22.40
C SER C 43 31.84 21.39 -22.55
N ASN C 44 31.10 20.80 -21.60
CA ASN C 44 30.82 19.38 -21.67
C ASN C 44 30.02 19.05 -22.91
N TYR C 45 29.02 19.87 -23.24
CA TYR C 45 28.20 19.62 -24.42
C TYR C 45 29.02 19.74 -25.70
N VAL C 46 29.95 20.69 -25.76
CA VAL C 46 30.81 20.82 -26.93
C VAL C 46 31.68 19.58 -27.09
N VAL C 47 32.25 19.10 -25.98
CA VAL C 47 33.10 17.91 -26.07
C VAL C 47 32.29 16.71 -26.50
N GLN C 48 31.08 16.55 -25.96
CA GLN C 48 30.24 15.41 -26.33
C GLN C 48 29.79 15.52 -27.79
N ALA C 49 29.53 16.73 -28.27
CA ALA C 49 29.23 16.90 -29.70
C ALA C 49 30.43 16.49 -30.55
N GLN C 50 31.63 16.86 -30.13
CA GLN C 50 32.83 16.44 -30.84
C GLN C 50 32.92 14.92 -30.91
N LYS C 51 32.78 14.25 -29.77
CA LYS C 51 33.01 12.81 -29.71
C LYS C 51 31.86 12.03 -30.34
N THR C 52 30.65 12.17 -29.78
CA THR C 52 29.53 11.36 -30.23
C THR C 52 29.18 11.64 -31.68
N ARG C 53 29.22 12.91 -32.09
CA ARG C 53 28.85 13.35 -33.44
C ARG C 53 27.35 13.25 -33.68
N ASP C 54 26.56 12.97 -32.64
CA ASP C 54 25.13 12.79 -32.77
C ASP C 54 24.42 14.12 -33.01
N PRO C 55 23.28 14.11 -33.71
CA PRO C 55 22.55 15.39 -33.90
C PRO C 55 22.10 16.04 -32.60
N GLY C 56 21.38 15.31 -31.74
CA GLY C 56 20.74 15.95 -30.59
C GLY C 56 21.73 16.62 -29.65
N VAL C 57 22.87 15.98 -29.39
CA VAL C 57 23.87 16.56 -28.51
C VAL C 57 24.36 17.88 -29.08
N SER C 58 24.65 17.91 -30.38
CA SER C 58 25.07 19.15 -31.02
C SER C 58 23.96 20.19 -30.98
N GLU C 59 22.70 19.76 -31.16
CA GLU C 59 21.58 20.69 -31.04
C GLU C 59 21.59 21.40 -29.69
N ARG C 60 21.63 20.61 -28.62
CA ARG C 60 21.60 21.21 -27.28
C ARG C 60 22.84 22.08 -27.06
N ALA C 61 24.00 21.61 -27.49
CA ALA C 61 25.23 22.38 -27.31
C ALA C 61 25.14 23.72 -28.02
N PHE C 62 24.63 23.73 -29.26
CA PHE C 62 24.59 24.96 -30.03
C PHE C 62 23.54 25.92 -29.48
N ARG C 63 22.39 25.40 -29.05
CA ARG C 63 21.42 26.27 -28.41
C ARG C 63 21.99 26.92 -27.16
N ILE C 64 22.70 26.13 -26.34
CA ILE C 64 23.32 26.69 -25.14
C ILE C 64 24.34 27.76 -25.52
N ALA C 65 25.19 27.46 -26.50
CA ALA C 65 26.22 28.41 -26.90
C ALA C 65 25.62 29.71 -27.40
N GLU C 66 24.58 29.62 -28.23
CA GLU C 66 23.93 30.82 -28.75
C GLU C 66 23.29 31.61 -27.62
N TYR C 67 22.64 30.93 -26.67
CA TYR C 67 22.07 31.63 -25.53
C TYR C 67 23.14 32.39 -24.76
N LEU C 68 24.28 31.74 -24.51
CA LEU C 68 25.36 32.43 -23.79
C LEU C 68 25.92 33.57 -24.61
N GLY C 69 26.03 33.40 -25.93
CA GLY C 69 26.53 34.44 -26.80
C GLY C 69 27.97 34.31 -27.23
N ALA C 70 28.65 33.22 -26.86
CA ALA C 70 30.02 33.03 -27.28
C ALA C 70 30.07 32.74 -28.78
N ASP C 71 31.24 33.02 -29.39
CA ASP C 71 31.41 32.92 -30.82
C ASP C 71 32.17 31.66 -31.25
N GLN C 72 33.30 31.37 -30.62
CA GLN C 72 34.13 30.24 -31.06
C GLN C 72 33.43 28.91 -30.79
N GLU C 73 32.95 28.72 -29.55
CA GLU C 73 32.22 27.50 -29.23
C GLU C 73 30.96 27.39 -30.06
N ALA C 74 30.26 28.50 -30.27
CA ALA C 74 29.06 28.49 -31.11
C ALA C 74 29.39 28.02 -32.52
N LEU C 75 30.48 28.54 -33.09
CA LEU C 75 30.86 28.15 -34.45
C LEU C 75 31.21 26.67 -34.52
N ASP C 76 32.04 26.19 -33.59
CA ASP C 76 32.43 24.79 -33.62
C ASP C 76 31.21 23.89 -33.48
N THR C 77 30.33 24.20 -32.52
CA THR C 77 29.15 23.40 -32.31
C THR C 77 28.21 23.45 -33.50
N SER C 78 28.07 24.62 -34.13
CA SER C 78 27.21 24.73 -35.29
C SER C 78 27.73 23.91 -36.45
N LEU C 79 29.03 23.92 -36.68
CA LEU C 79 29.59 23.09 -37.74
C LEU C 79 29.35 21.60 -37.44
N LEU C 80 29.60 21.18 -36.19
CA LEU C 80 29.37 19.79 -35.83
C LEU C 80 27.91 19.42 -36.00
N TRP C 81 26.99 20.31 -35.61
CA TRP C 81 25.56 20.04 -35.74
C TRP C 81 25.15 19.92 -37.20
N ALA C 82 25.59 20.87 -38.03
CA ALA C 82 25.23 20.84 -39.43
C ALA C 82 25.75 19.59 -40.12
N ARG C 83 26.99 19.20 -39.81
CA ARG C 83 27.52 17.98 -40.41
C ARG C 83 26.81 16.74 -39.86
N SER C 84 26.35 16.78 -38.60
CA SER C 84 25.72 15.62 -38.00
C SER C 84 24.27 15.46 -38.41
N ALA C 85 23.63 16.54 -38.84
CA ALA C 85 22.23 16.52 -39.26
C ALA C 85 22.09 17.26 -40.59
N PRO C 86 22.65 16.70 -41.66
CA PRO C 86 22.54 17.37 -42.96
C PRO C 86 21.10 17.56 -43.41
N ASP C 87 20.19 16.69 -42.98
CA ASP C 87 18.79 16.85 -43.37
C ASP C 87 18.21 18.15 -42.81
N ASN C 88 18.56 18.48 -41.57
CA ASN C 88 17.98 19.65 -40.90
C ASN C 88 18.48 20.91 -41.59
N LEU C 89 17.60 21.56 -42.36
CA LEU C 89 17.97 22.79 -43.04
C LEU C 89 18.27 23.90 -42.03
N ASP C 90 17.49 23.97 -40.95
CA ASP C 90 17.75 24.97 -39.92
C ASP C 90 19.17 24.85 -39.40
N ALA C 91 19.65 23.62 -39.21
CA ALA C 91 21.03 23.41 -38.80
C ALA C 91 21.99 24.03 -39.82
N GLN C 92 21.74 23.79 -41.10
CA GLN C 92 22.64 24.30 -42.14
C GLN C 92 22.68 25.82 -42.13
N ARG C 93 21.52 26.46 -42.03
CA ARG C 93 21.49 27.92 -42.08
C ARG C 93 22.07 28.53 -40.81
N ALA C 94 21.86 27.89 -39.66
CA ALA C 94 22.47 28.38 -38.42
C ALA C 94 23.99 28.27 -38.50
N ALA C 95 24.50 27.16 -39.03
CA ALA C 95 25.94 27.02 -39.19
C ALA C 95 26.48 28.06 -40.15
N ALA C 96 25.79 28.30 -41.26
CA ALA C 96 26.22 29.31 -42.21
C ALA C 96 26.26 30.68 -41.57
N ILE C 97 25.23 31.02 -40.79
CA ILE C 97 25.20 32.32 -40.11
C ILE C 97 26.37 32.45 -39.16
N GLN C 98 26.58 31.43 -38.32
CA GLN C 98 27.65 31.49 -37.33
C GLN C 98 29.00 31.61 -38.00
N LEU C 99 29.21 30.87 -39.09
CA LEU C 99 30.46 31.00 -39.85
C LEU C 99 30.60 32.41 -40.43
N ALA C 100 29.51 32.97 -40.94
CA ALA C 100 29.57 34.32 -41.47
C ALA C 100 29.91 35.33 -40.39
N ARG C 101 29.56 35.06 -39.13
CA ARG C 101 29.97 35.93 -38.05
C ARG C 101 31.48 36.04 -37.96
N ALA C 102 32.21 35.01 -38.39
CA ALA C 102 33.66 34.95 -38.28
C ALA C 102 34.38 35.48 -39.51
N GLY C 103 33.66 35.89 -40.55
CA GLY C 103 34.28 36.44 -41.74
C GLY C 103 34.42 35.48 -42.90
N ARG C 104 33.84 34.29 -42.83
CA ARG C 104 33.88 33.32 -43.92
C ARG C 104 32.50 33.25 -44.57
N TYR C 105 32.47 33.33 -45.89
CA TYR C 105 31.21 33.43 -46.62
C TYR C 105 31.07 32.47 -47.80
N GLU C 106 32.17 31.98 -48.37
CA GLU C 106 32.03 31.00 -49.45
C GLU C 106 31.35 29.73 -48.93
N GLU C 107 31.78 29.25 -47.77
CA GLU C 107 31.10 28.13 -47.13
C GLU C 107 29.67 28.50 -46.77
N SER C 108 29.44 29.77 -46.41
CA SER C 108 28.08 30.21 -46.10
C SER C 108 27.17 30.05 -47.32
N MET C 109 27.65 30.49 -48.49
CA MET C 109 26.86 30.34 -49.70
C MET C 109 26.72 28.88 -50.10
N VAL C 110 27.75 28.06 -49.85
CA VAL C 110 27.63 26.63 -50.12
C VAL C 110 26.51 26.04 -49.27
N TYR C 111 26.47 26.39 -47.98
CA TYR C 111 25.42 25.89 -47.11
C TYR C 111 24.05 26.41 -47.52
N MET C 112 23.98 27.67 -47.96
CA MET C 112 22.71 28.20 -48.45
C MET C 112 22.23 27.43 -49.67
N GLU C 113 23.15 27.11 -50.60
CA GLU C 113 22.78 26.30 -51.75
C GLU C 113 22.31 24.91 -51.31
N LYS C 114 23.00 24.32 -50.33
CA LYS C 114 22.58 23.02 -49.82
C LYS C 114 21.16 23.08 -49.25
N VAL C 115 20.85 24.16 -48.54
CA VAL C 115 19.47 24.36 -48.06
C VAL C 115 18.52 24.52 -49.24
N LEU C 116 18.98 25.18 -50.30
CA LEU C 116 18.12 25.44 -51.45
C LEU C 116 17.58 24.17 -52.07
N ASN C 117 18.26 23.03 -51.87
CA ASN C 117 17.72 21.77 -52.36
C ASN C 117 16.39 21.44 -51.70
N GLY C 118 16.30 21.65 -50.39
CA GLY C 118 15.07 21.44 -49.66
C GLY C 118 14.39 22.76 -49.36
N GLN C 119 13.16 22.90 -49.84
CA GLN C 119 12.45 24.16 -49.71
C GLN C 119 12.31 24.57 -48.24
N GLY C 120 12.48 25.85 -47.99
CA GLY C 120 12.37 26.36 -46.63
C GLY C 120 12.87 27.79 -46.57
N ASP C 121 12.78 28.36 -45.36
CA ASP C 121 13.25 29.71 -45.15
C ASP C 121 14.75 29.80 -45.38
N THR C 122 15.17 30.84 -46.11
CA THR C 122 16.56 31.04 -46.47
C THR C 122 17.01 32.42 -46.01
N HIS C 123 18.29 32.52 -45.67
CA HIS C 123 18.91 33.77 -45.23
C HIS C 123 19.92 34.19 -46.28
N PHE C 124 19.62 35.28 -46.99
CA PHE C 124 20.51 35.81 -48.01
C PHE C 124 20.88 37.26 -47.79
N ASP C 125 19.94 38.11 -47.37
CA ASP C 125 20.23 39.53 -47.25
C ASP C 125 21.20 39.81 -46.11
N PHE C 126 20.97 39.18 -44.94
CA PHE C 126 21.86 39.42 -43.81
C PHE C 126 23.26 38.89 -44.10
N LEU C 127 23.35 37.73 -44.75
CA LEU C 127 24.66 37.19 -45.11
C LEU C 127 25.35 38.08 -46.14
N ALA C 128 24.60 38.64 -47.08
CA ALA C 128 25.18 39.59 -48.03
C ALA C 128 25.72 40.82 -47.31
N LEU C 129 24.97 41.32 -46.33
CA LEU C 129 25.46 42.45 -45.54
C LEU C 129 26.74 42.08 -44.79
N SER C 130 26.77 40.87 -44.21
CA SER C 130 27.95 40.43 -43.47
C SER C 130 29.15 40.24 -44.38
N ALA C 131 28.93 39.85 -45.63
CA ALA C 131 30.02 39.63 -46.57
C ALA C 131 30.43 40.89 -47.33
N ALA C 132 29.62 41.95 -47.30
CA ALA C 132 29.97 43.18 -48.01
C ALA C 132 31.05 43.98 -47.28
N GLU C 133 31.42 43.60 -46.06
CA GLU C 133 32.39 44.34 -45.27
C GLU C 133 33.78 43.72 -45.28
N THR C 134 33.95 42.57 -45.93
CA THR C 134 35.25 41.88 -45.96
C THR C 134 36.13 42.50 -47.04
N ASP C 135 37.25 41.84 -47.34
CA ASP C 135 38.15 42.34 -48.36
C ASP C 135 37.47 42.32 -49.73
N PRO C 136 37.87 43.22 -50.64
CA PRO C 136 37.17 43.30 -51.93
C PRO C 136 37.17 42.00 -52.72
N ASP C 137 38.26 41.24 -52.68
CA ASP C 137 38.33 40.02 -53.47
C ASP C 137 37.27 39.01 -53.03
N THR C 138 37.10 38.84 -51.72
CA THR C 138 36.11 37.87 -51.23
C THR C 138 34.70 38.28 -51.62
N ARG C 139 34.37 39.57 -51.49
CA ARG C 139 33.04 40.02 -51.87
C ARG C 139 32.81 39.86 -53.37
N ALA C 140 33.82 40.16 -54.18
CA ALA C 140 33.68 39.99 -55.62
C ALA C 140 33.46 38.52 -55.98
N GLY C 141 34.23 37.61 -55.36
CA GLY C 141 34.04 36.20 -55.62
C GLY C 141 32.67 35.72 -55.19
N LEU C 142 32.20 36.19 -54.03
CA LEU C 142 30.87 35.80 -53.55
C LEU C 142 29.78 36.31 -54.48
N LEU C 143 29.93 37.55 -54.98
CA LEU C 143 28.94 38.08 -55.91
C LEU C 143 28.95 37.29 -57.21
N GLN C 144 30.14 36.91 -57.70
CA GLN C 144 30.20 36.07 -58.89
C GLN C 144 29.52 34.73 -58.65
N SER C 145 29.74 34.12 -57.48
CA SER C 145 29.09 32.86 -57.16
C SER C 145 27.58 33.02 -57.09
N PHE C 146 27.11 34.13 -56.49
CA PHE C 146 25.68 34.36 -56.41
C PHE C 146 25.06 34.54 -57.80
N ASP C 147 25.75 35.28 -58.67
CA ASP C 147 25.25 35.45 -60.03
C ASP C 147 25.22 34.11 -60.78
N HIS C 148 26.26 33.28 -60.58
CA HIS C 148 26.27 31.97 -61.21
C HIS C 148 25.13 31.10 -60.70
N LEU C 149 24.86 31.16 -59.39
CA LEU C 149 23.73 30.42 -58.84
C LEU C 149 22.41 30.93 -59.40
N LEU C 150 22.28 32.24 -59.58
CA LEU C 150 21.10 32.79 -60.23
C LEU C 150 20.95 32.23 -61.64
N LYS C 151 22.05 32.16 -62.39
CA LYS C 151 22.02 31.48 -63.68
C LYS C 151 21.61 30.02 -63.52
N LYS C 152 21.92 29.42 -62.38
CA LYS C 152 21.48 28.06 -62.08
C LYS C 152 20.05 28.00 -61.58
N TYR C 153 19.41 29.13 -61.36
CA TYR C 153 18.01 29.18 -60.93
C TYR C 153 17.29 30.37 -61.56
N UNK D 1 -0.19 20.86 -10.18
CA UNK D 1 -0.59 21.97 -9.33
C UNK D 1 -1.59 21.53 -8.27
N UNK D 2 -2.38 20.51 -8.59
CA UNK D 2 -3.37 20.00 -7.66
C UNK D 2 -2.69 19.53 -6.38
N UNK D 3 -3.23 19.96 -5.24
CA UNK D 3 -2.66 19.62 -3.93
C UNK D 3 -3.45 18.44 -3.36
N UNK D 4 -3.16 17.25 -3.89
CA UNK D 4 -3.82 16.02 -3.47
C UNK D 4 -3.11 15.47 -2.23
N UNK D 5 -3.90 15.10 -1.21
CA UNK D 5 -3.38 14.48 0.00
C UNK D 5 -3.84 13.05 0.16
N UNK D 6 -4.40 12.44 -0.88
CA UNK D 6 -4.95 11.10 -0.77
C UNK D 6 -3.88 10.09 -0.40
N UNK D 7 -4.27 9.07 0.36
CA UNK D 7 -3.35 8.02 0.77
C UNK D 7 -2.74 7.33 -0.43
N SER E 160 -20.78 0.74 51.76
CA SER E 160 -21.70 0.92 50.64
C SER E 160 -20.98 1.50 49.44
N VAL E 161 -20.31 2.64 49.63
CA VAL E 161 -19.65 3.31 48.53
C VAL E 161 -18.57 2.41 47.94
N LYS E 162 -18.27 2.65 46.66
CA LYS E 162 -17.16 1.97 45.99
C LYS E 162 -16.77 2.81 44.79
N SER E 163 -15.55 3.35 44.81
CA SER E 163 -15.10 4.27 43.79
C SER E 163 -14.44 3.50 42.64
N GLN E 164 -13.95 4.25 41.66
CA GLN E 164 -13.29 3.72 40.49
C GLN E 164 -12.82 4.91 39.67
N VAL E 165 -12.02 4.65 38.64
CA VAL E 165 -11.70 5.69 37.67
C VAL E 165 -11.71 5.05 36.29
N LEU E 166 -12.78 5.27 35.54
CA LEU E 166 -12.93 4.64 34.23
C LEU E 166 -12.13 5.37 33.15
N GLU E 167 -11.82 6.63 33.38
CA GLU E 167 -11.11 7.44 32.40
C GLU E 167 -10.32 8.50 33.15
N PRO E 168 -9.44 9.22 32.47
CA PRO E 168 -8.60 10.21 33.17
C PRO E 168 -9.38 11.22 33.98
N GLY E 169 -10.67 11.40 33.70
CA GLY E 169 -11.46 12.37 34.43
C GLY E 169 -12.90 11.97 34.71
N TYR E 170 -13.21 10.68 34.62
CA TYR E 170 -14.59 10.19 34.74
C TYR E 170 -14.66 9.16 35.87
N ALA E 171 -14.91 9.64 37.08
CA ALA E 171 -15.01 8.77 38.23
C ALA E 171 -16.26 7.89 38.13
N TYR E 172 -16.42 6.98 39.08
CA TYR E 172 -17.57 6.08 39.12
C TYR E 172 -17.77 5.70 40.59
N LEU E 173 -18.70 6.36 41.26
CA LEU E 173 -18.91 6.20 42.70
C LEU E 173 -20.14 5.33 42.93
N ARG E 174 -19.94 4.02 42.89
CA ARG E 174 -21.02 3.09 43.18
C ARG E 174 -21.49 3.27 44.61
N ILE E 175 -22.79 3.15 44.83
CA ILE E 175 -23.36 3.19 46.17
C ILE E 175 -24.14 1.90 46.42
N THR E 176 -25.20 1.68 45.65
CA THR E 176 -25.96 0.43 45.64
C THR E 176 -26.46 0.03 47.02
N GLN E 177 -26.34 0.91 48.01
CA GLN E 177 -26.77 0.62 49.36
C GLN E 177 -26.69 1.90 50.18
N PHE E 178 -27.70 2.16 50.99
CA PHE E 178 -27.74 3.33 51.84
C PHE E 178 -27.76 2.91 53.30
N GLN E 179 -26.99 3.62 54.12
CA GLN E 179 -26.90 3.31 55.54
C GLN E 179 -26.36 4.55 56.24
N VAL E 180 -26.27 4.47 57.58
CA VAL E 180 -25.74 5.59 58.34
C VAL E 180 -24.31 5.91 57.91
N ASN E 181 -23.52 4.88 57.64
CA ASN E 181 -22.12 5.08 57.26
C ASN E 181 -22.00 5.80 55.93
N THR E 182 -22.85 5.46 54.96
CA THR E 182 -22.66 5.98 53.61
C THR E 182 -22.71 7.50 53.55
N GLY E 183 -23.35 8.15 54.52
CA GLY E 183 -23.39 9.59 54.51
C GLY E 183 -22.02 10.22 54.52
N GLU E 184 -21.10 9.62 55.29
CA GLU E 184 -19.72 10.10 55.34
C GLU E 184 -18.83 9.39 54.33
N GLU E 185 -19.09 8.11 54.04
CA GLU E 185 -18.27 7.40 53.08
C GLU E 185 -18.42 7.95 51.68
N VAL E 186 -19.57 8.51 51.34
CA VAL E 186 -19.73 9.13 50.03
C VAL E 186 -18.75 10.28 49.87
N VAL E 187 -18.69 11.16 50.88
CA VAL E 187 -17.75 12.27 50.83
C VAL E 187 -16.31 11.76 50.89
N LYS E 188 -16.08 10.69 51.66
CA LYS E 188 -14.73 10.12 51.73
C LYS E 188 -14.26 9.68 50.34
N ALA E 189 -15.07 8.87 49.66
CA ALA E 189 -14.70 8.40 48.33
C ALA E 189 -14.65 9.55 47.33
N LEU E 190 -15.49 10.58 47.53
CA LEU E 190 -15.42 11.74 46.66
C LEU E 190 -14.08 12.46 46.80
N ASN E 191 -13.61 12.63 48.04
CA ASN E 191 -12.30 13.24 48.25
C ASN E 191 -11.19 12.36 47.69
N GLN E 192 -11.31 11.03 47.88
CA GLN E 192 -10.29 10.14 47.33
C GLN E 192 -10.24 10.23 45.81
N LEU E 193 -11.41 10.33 45.15
CA LEU E 193 -11.43 10.52 43.71
C LEU E 193 -10.81 11.85 43.32
N ARG E 194 -11.12 12.91 44.08
CA ARG E 194 -10.54 14.21 43.80
C ARG E 194 -9.02 14.17 43.87
N LYS E 195 -8.49 13.41 44.84
CA LYS E 195 -7.03 13.29 44.94
C LYS E 195 -6.46 12.40 43.84
N ASP E 196 -7.17 11.34 43.48
CA ASP E 196 -6.71 10.46 42.41
C ASP E 196 -6.61 11.22 41.09
N ASN E 197 -7.58 12.07 40.80
CA ASN E 197 -7.56 12.95 39.64
C ASN E 197 -7.63 14.39 40.11
N LYS E 198 -6.54 15.12 39.91
CA LYS E 198 -6.48 16.50 40.39
C LYS E 198 -7.52 17.36 39.67
N GLY E 199 -8.07 18.32 40.42
CA GLY E 199 -9.08 19.21 39.88
C GLY E 199 -10.45 18.56 39.83
N ARG E 200 -11.45 19.39 39.55
CA ARG E 200 -12.81 18.89 39.40
C ARG E 200 -12.88 17.86 38.29
N LEU E 201 -13.51 16.73 38.57
CA LEU E 201 -13.59 15.66 37.59
C LEU E 201 -14.42 16.10 36.39
N LYS E 202 -14.22 15.40 35.27
CA LYS E 202 -14.95 15.73 34.05
C LYS E 202 -16.41 15.29 34.14
N GLY E 203 -16.70 14.28 34.95
CA GLY E 203 -18.05 13.81 35.14
C GLY E 203 -18.09 12.55 35.98
N LEU E 204 -19.01 12.49 36.93
CA LEU E 204 -19.12 11.38 37.87
C LEU E 204 -20.36 10.57 37.56
N VAL E 205 -20.19 9.25 37.42
CA VAL E 205 -21.28 8.33 37.14
C VAL E 205 -21.69 7.69 38.46
N LEU E 206 -22.85 8.10 38.97
CA LEU E 206 -23.35 7.61 40.26
C LEU E 206 -24.27 6.43 39.98
N ASP E 207 -23.70 5.22 40.05
CA ASP E 207 -24.40 4.00 39.65
C ASP E 207 -25.30 3.52 40.79
N LEU E 208 -26.35 4.29 41.04
CA LEU E 208 -27.34 3.95 42.06
C LEU E 208 -28.36 2.95 41.49
N ARG E 209 -27.84 1.79 41.10
CA ARG E 209 -28.64 0.74 40.49
C ARG E 209 -28.75 -0.45 41.43
N ASN E 210 -29.86 -1.18 41.32
CA ASN E 210 -30.11 -2.35 42.15
C ASN E 210 -29.98 -2.00 43.63
N ASN E 211 -30.38 -0.78 43.97
CA ASN E 211 -30.22 -0.27 45.32
C ASN E 211 -31.51 -0.45 46.09
N PRO E 212 -31.58 -1.34 47.08
CA PRO E 212 -32.82 -1.48 47.85
C PRO E 212 -33.21 -0.20 48.58
N GLY E 213 -32.23 0.57 49.06
CA GLY E 213 -32.51 1.78 49.81
C GLY E 213 -31.71 1.86 51.08
N GLY E 214 -32.24 2.55 52.08
CA GLY E 214 -31.55 2.69 53.35
C GLY E 214 -32.09 3.87 54.14
N VAL E 215 -31.26 4.35 55.06
CA VAL E 215 -31.67 5.45 55.93
C VAL E 215 -31.95 6.69 55.08
N LEU E 216 -33.12 7.29 55.31
CA LEU E 216 -33.51 8.46 54.53
C LEU E 216 -32.53 9.61 54.73
N GLN E 217 -32.14 9.86 55.99
CA GLN E 217 -31.27 10.99 56.26
C GLN E 217 -29.92 10.83 55.58
N SER E 218 -29.41 9.60 55.47
CA SER E 218 -28.18 9.38 54.72
C SER E 218 -28.37 9.70 53.24
N ALA E 219 -29.53 9.35 52.69
CA ALA E 219 -29.82 9.74 51.31
C ALA E 219 -29.81 11.25 51.16
N VAL E 220 -30.41 11.96 52.11
CA VAL E 220 -30.40 13.41 52.06
C VAL E 220 -28.96 13.93 52.14
N GLU E 221 -28.14 13.30 52.99
CA GLU E 221 -26.76 13.71 53.12
C GLU E 221 -26.02 13.56 51.81
N VAL E 222 -26.21 12.43 51.12
CA VAL E 222 -25.54 12.22 49.83
C VAL E 222 -26.03 13.24 48.81
N ALA E 223 -27.36 13.43 48.73
CA ALA E 223 -27.92 14.41 47.81
C ALA E 223 -27.28 15.77 48.03
N ASP E 224 -27.23 16.22 49.29
CA ASP E 224 -26.62 17.51 49.60
C ASP E 224 -25.14 17.52 49.28
N ALA E 225 -24.47 16.38 49.46
CA ALA E 225 -23.07 16.27 49.04
C ALA E 225 -22.91 16.39 47.54
N PHE E 226 -23.99 16.23 46.78
CA PHE E 226 -23.94 16.46 45.34
C PHE E 226 -24.44 17.85 44.93
N LEU E 227 -25.48 18.38 45.59
CA LEU E 227 -25.97 19.72 45.30
C LEU E 227 -26.04 20.52 46.60
N THR E 228 -25.89 21.83 46.47
CA THR E 228 -25.81 22.72 47.63
C THR E 228 -27.06 23.55 47.86
N LYS E 229 -28.06 23.48 46.98
CA LYS E 229 -29.25 24.31 47.10
C LYS E 229 -30.49 23.46 46.82
N GLY E 230 -31.64 24.01 47.19
CA GLY E 230 -32.93 23.40 46.92
C GLY E 230 -33.40 22.52 48.07
N LEU E 231 -34.66 22.08 47.95
CA LEU E 231 -35.28 21.18 48.91
C LEU E 231 -35.30 19.77 48.32
N ILE E 232 -34.69 18.82 49.03
CA ILE E 232 -34.55 17.47 48.49
C ILE E 232 -35.91 16.82 48.31
N VAL E 233 -36.69 16.74 49.39
CA VAL E 233 -38.01 16.11 49.33
C VAL E 233 -38.91 16.78 50.36
N TYR E 234 -40.16 17.03 49.96
CA TYR E 234 -41.19 17.55 50.83
C TYR E 234 -42.33 16.54 50.92
N THR E 235 -43.00 16.53 52.06
CA THR E 235 -44.10 15.60 52.30
C THR E 235 -45.38 16.35 52.66
N LEU E 244 -42.38 18.47 57.25
CA LEU E 244 -41.06 17.86 57.22
C LEU E 244 -40.43 17.94 55.83
N ARG E 245 -39.47 18.85 55.69
CA ARG E 245 -38.71 19.00 54.45
C ARG E 245 -37.24 19.08 54.78
N PHE E 246 -36.40 18.68 53.82
CA PHE E 246 -34.96 18.63 53.99
C PHE E 246 -34.33 19.71 53.12
N SER E 247 -33.55 20.59 53.75
CA SER E 247 -32.97 21.74 53.07
C SER E 247 -31.62 21.36 52.47
N ALA E 248 -30.88 22.35 51.97
CA ALA E 248 -29.61 22.13 51.30
C ALA E 248 -28.54 22.96 52.00
N ASP E 249 -27.46 22.29 52.43
CA ASP E 249 -26.34 22.95 53.08
C ASP E 249 -25.47 23.66 52.07
N PRO E 250 -24.63 24.60 52.53
CA PRO E 250 -23.75 25.33 51.60
C PRO E 250 -22.53 24.54 51.16
N ALA E 251 -22.21 23.43 51.80
CA ALA E 251 -21.02 22.66 51.47
C ALA E 251 -21.38 21.54 50.50
N ASP E 252 -20.65 21.48 49.38
CA ASP E 252 -20.85 20.46 48.36
C ASP E 252 -19.49 19.85 48.00
N PRO E 253 -19.05 18.83 48.74
CA PRO E 253 -17.75 18.21 48.43
C PRO E 253 -17.63 17.73 46.99
N SER E 254 -18.75 17.68 46.27
CA SER E 254 -18.74 17.27 44.88
C SER E 254 -18.32 18.39 43.94
N ASP E 255 -18.10 19.60 44.46
CA ASP E 255 -17.80 20.77 43.64
C ASP E 255 -18.90 20.87 42.58
N LYS E 256 -18.57 20.91 41.29
CA LYS E 256 -19.56 20.86 40.22
C LYS E 256 -19.07 19.89 39.16
N VAL E 257 -19.51 18.63 39.26
CA VAL E 257 -19.19 17.61 38.27
C VAL E 257 -20.49 17.25 37.56
N PRO E 258 -20.51 17.12 36.23
CA PRO E 258 -21.74 16.68 35.57
C PRO E 258 -22.08 15.25 35.98
N LEU E 259 -23.13 15.11 36.77
CA LEU E 259 -23.46 13.86 37.43
C LEU E 259 -24.54 13.13 36.63
N VAL E 260 -24.30 11.85 36.36
CA VAL E 260 -25.23 11.02 35.60
C VAL E 260 -25.55 9.81 36.49
N VAL E 261 -26.63 9.92 37.25
CA VAL E 261 -27.06 8.84 38.13
C VAL E 261 -27.79 7.79 37.31
N LEU E 262 -27.68 6.53 37.72
CA LEU E 262 -28.27 5.41 37.01
C LEU E 262 -29.38 4.79 37.84
N ILE E 263 -30.53 4.54 37.20
CA ILE E 263 -31.65 3.85 37.81
C ILE E 263 -32.17 2.83 36.81
N ASN E 264 -32.41 1.60 37.27
CA ASN E 264 -32.70 0.48 36.39
C ASN E 264 -33.98 -0.27 36.71
N GLY E 265 -34.50 -0.18 37.93
CA GLY E 265 -35.68 -0.93 38.31
C GLY E 265 -35.56 -1.44 39.73
N GLY E 266 -34.33 -1.65 40.20
CA GLY E 266 -34.08 -1.90 41.60
C GLY E 266 -34.00 -0.65 42.43
N SER E 267 -34.05 0.52 41.79
CA SER E 267 -34.03 1.80 42.50
C SER E 267 -35.38 2.01 43.16
N ALA E 268 -35.47 1.72 44.45
CA ALA E 268 -36.72 1.78 45.19
C ALA E 268 -36.57 2.62 46.44
N ALA E 269 -37.57 3.47 46.69
CA ALA E 269 -37.68 4.23 47.94
C ALA E 269 -36.39 5.03 48.14
N ALA E 270 -35.65 4.83 49.24
CA ALA E 270 -34.58 5.75 49.60
C ALA E 270 -33.65 6.02 48.43
N ALA E 271 -33.23 4.96 47.72
CA ALA E 271 -32.30 5.14 46.62
C ALA E 271 -32.83 6.16 45.63
N GLU E 272 -34.05 5.96 45.14
CA GLU E 272 -34.58 6.88 44.14
C GLU E 272 -34.75 8.28 44.70
N ILE E 273 -34.90 8.41 46.03
CA ILE E 273 -34.95 9.75 46.63
C ILE E 273 -33.70 10.52 46.25
N VAL E 274 -32.53 9.89 46.42
CA VAL E 274 -31.29 10.55 46.00
C VAL E 274 -31.36 10.92 44.54
N ALA E 275 -31.88 10.02 43.71
CA ALA E 275 -32.10 10.36 42.31
C ALA E 275 -33.15 11.46 42.17
N GLY E 276 -34.26 11.32 42.89
CA GLY E 276 -35.39 12.20 42.71
C GLY E 276 -35.01 13.66 42.69
N ALA E 277 -34.53 14.16 43.84
CA ALA E 277 -34.17 15.56 43.92
C ALA E 277 -33.27 15.96 42.76
N LEU E 278 -32.28 15.14 42.47
CA LEU E 278 -31.35 15.48 41.39
C LEU E 278 -32.11 15.70 40.09
N GLN E 279 -32.94 14.73 39.70
CA GLN E 279 -33.67 14.87 38.44
C GLN E 279 -34.50 16.15 38.42
N ASP E 280 -34.96 16.59 39.59
CA ASP E 280 -35.80 17.78 39.64
C ASP E 280 -34.98 19.07 39.66
N GLN E 281 -33.75 19.02 40.13
CA GLN E 281 -32.91 20.21 40.20
C GLN E 281 -32.04 20.39 38.97
N LYS E 282 -32.18 19.53 37.97
CA LYS E 282 -31.40 19.53 36.75
C LYS E 282 -29.93 19.24 36.99
N ARG E 283 -29.55 18.94 38.24
CA ARG E 283 -28.15 18.72 38.57
C ARG E 283 -27.60 17.41 38.00
N ALA E 284 -28.47 16.50 37.54
CA ALA E 284 -28.01 15.22 37.02
C ALA E 284 -29.03 14.70 36.02
N ILE E 285 -28.59 13.73 35.22
CA ILE E 285 -29.41 13.09 34.20
C ILE E 285 -29.63 11.64 34.59
N LEU E 286 -30.89 11.22 34.67
CA LEU E 286 -31.25 9.88 35.10
C LEU E 286 -31.23 8.96 33.89
N MET E 287 -30.15 8.19 33.74
CA MET E 287 -29.99 7.26 32.63
C MET E 287 -30.25 5.84 33.11
N GLY E 288 -31.02 5.10 32.32
CA GLY E 288 -31.34 3.72 32.63
C GLY E 288 -32.81 3.46 32.42
N THR E 289 -33.23 2.25 32.80
CA THR E 289 -34.63 1.88 32.71
C THR E 289 -35.41 2.51 33.87
N ASP E 290 -36.73 2.47 33.76
CA ASP E 290 -37.58 3.06 34.78
C ASP E 290 -37.22 2.51 36.16
N SER E 291 -37.54 3.29 37.19
CA SER E 291 -37.20 2.93 38.56
C SER E 291 -38.33 2.11 39.19
N PHE E 292 -38.04 1.57 40.37
CA PHE E 292 -39.05 0.83 41.10
C PHE E 292 -40.21 1.74 41.51
N GLY E 293 -39.89 2.95 41.96
CA GLY E 293 -40.90 3.91 42.37
C GLY E 293 -41.61 3.51 43.64
N ALA E 314 -44.46 7.16 55.77
CA ALA E 314 -45.39 8.06 55.09
C ALA E 314 -44.97 8.24 53.63
N LEU E 315 -45.51 9.27 52.98
CA LEU E 315 -45.26 9.53 51.57
C LEU E 315 -44.25 10.67 51.43
N TYR E 316 -43.35 10.53 50.47
CA TYR E 316 -42.32 11.52 50.18
C TYR E 316 -42.41 11.96 48.73
N TYR E 317 -42.31 13.27 48.51
CA TYR E 317 -42.43 13.86 47.18
C TYR E 317 -41.09 14.45 46.74
N THR E 318 -40.86 14.39 45.43
CA THR E 318 -39.70 15.04 44.84
C THR E 318 -39.88 16.56 44.89
N PRO E 319 -38.81 17.32 44.67
CA PRO E 319 -38.90 18.78 44.85
C PRO E 319 -40.05 19.42 44.10
N ASN E 320 -40.35 18.97 42.87
CA ASN E 320 -41.52 19.43 42.16
C ASN E 320 -42.74 18.62 42.59
N GLY E 321 -43.92 19.01 42.08
CA GLY E 321 -45.14 18.35 42.49
C GLY E 321 -45.12 16.86 42.26
N ARG E 322 -44.38 16.39 41.27
CA ARG E 322 -44.35 14.96 40.96
C ARG E 322 -43.80 14.17 42.14
N SER E 323 -44.38 13.00 42.38
CA SER E 323 -44.02 12.12 43.47
C SER E 323 -43.30 10.88 42.93
N ILE E 324 -43.00 9.96 43.84
CA ILE E 324 -42.36 8.69 43.47
C ILE E 324 -43.35 7.53 43.45
N GLN E 325 -44.51 7.68 44.10
CA GLN E 325 -45.53 6.63 44.10
C GLN E 325 -46.65 6.91 43.10
N ALA E 326 -46.89 8.17 42.76
CA ALA E 326 -47.96 8.50 41.82
C ALA E 326 -47.70 7.87 40.45
N GLN E 327 -46.49 8.03 39.93
CA GLN E 327 -46.13 7.44 38.65
C GLN E 327 -44.73 6.84 38.63
N GLY E 328 -43.97 6.94 39.71
CA GLY E 328 -42.60 6.46 39.72
C GLY E 328 -41.67 7.41 38.99
N ILE E 329 -40.39 7.09 39.04
CA ILE E 329 -39.37 7.86 38.36
C ILE E 329 -39.26 7.35 36.92
N VAL E 330 -39.44 8.25 35.96
CA VAL E 330 -39.27 7.95 34.55
C VAL E 330 -38.01 8.65 34.07
N PRO E 331 -36.92 7.92 33.81
CA PRO E 331 -35.68 8.60 33.37
C PRO E 331 -35.89 9.33 32.06
N ASP E 332 -35.24 10.49 31.95
CA ASP E 332 -35.32 11.26 30.71
C ASP E 332 -34.57 10.59 29.57
N ILE E 333 -33.69 9.64 29.88
CA ILE E 333 -33.03 8.81 28.88
C ILE E 333 -33.18 7.36 29.30
N GLU E 334 -33.72 6.53 28.41
CA GLU E 334 -33.95 5.12 28.68
C GLU E 334 -32.87 4.32 27.95
N VAL E 335 -32.05 3.60 28.72
CA VAL E 335 -30.98 2.77 28.17
C VAL E 335 -31.15 1.40 28.81
N GLY E 336 -31.83 0.50 28.11
CA GLY E 336 -32.00 -0.85 28.63
C GLY E 336 -30.66 -1.54 28.78
N ARG E 337 -30.55 -2.36 29.83
CA ARG E 337 -29.31 -3.09 30.07
C ARG E 337 -29.03 -4.05 28.93
N ALA E 338 -27.76 -4.20 28.58
CA ALA E 338 -27.37 -5.08 27.49
C ALA E 338 -25.91 -5.46 27.68
N LYS E 339 -25.44 -6.37 26.82
CA LYS E 339 -24.07 -6.84 26.82
C LYS E 339 -23.44 -6.51 25.47
N VAL E 340 -22.24 -5.94 25.50
CA VAL E 340 -21.50 -5.58 24.28
C VAL E 340 -20.22 -6.42 24.26
N THR E 341 -20.03 -7.16 23.18
CA THR E 341 -18.86 -8.01 23.00
C THR E 341 -18.07 -7.52 21.79
N GLN E 342 -16.92 -6.91 22.05
CA GLN E 342 -16.05 -6.48 20.97
C GLN E 342 -15.52 -7.68 20.19
N GLU E 343 -15.42 -7.52 18.87
CA GLU E 343 -14.92 -8.56 17.99
C GLU E 343 -13.46 -8.27 17.66
N ARG E 344 -12.62 -9.29 17.79
CA ARG E 344 -11.19 -9.16 17.51
C ARG E 344 -10.94 -9.37 16.02
N SER E 345 -10.22 -8.43 15.42
CA SER E 345 -9.92 -8.48 14.00
C SER E 345 -8.58 -9.18 13.79
N SER E 346 -8.58 -10.24 12.98
CA SER E 346 -7.35 -10.97 12.72
C SER E 346 -6.33 -10.08 12.00
N PHE E 347 -6.79 -9.27 11.05
CA PHE E 347 -5.93 -8.39 10.29
C PHE E 347 -5.96 -6.99 10.91
N GLU E 348 -4.77 -6.43 11.14
CA GLU E 348 -4.63 -5.11 11.75
C GLU E 348 -4.27 -4.09 10.68
N GLY E 349 -5.06 -3.02 10.61
CA GLY E 349 -4.78 -1.94 9.69
C GLY E 349 -3.57 -1.13 10.09
N PHE E 350 -2.48 -1.26 9.34
CA PHE E 350 -1.25 -0.56 9.68
C PHE E 350 -1.45 0.94 9.63
N LYS E 351 -0.83 1.65 10.56
CA LYS E 351 -0.77 3.10 10.57
C LYS E 351 0.52 3.56 9.92
N GLU E 352 0.61 4.86 9.64
CA GLU E 352 1.79 5.38 8.97
C GLU E 352 3.04 5.25 9.85
N ALA E 353 2.88 5.01 11.14
CA ALA E 353 4.04 4.72 11.98
C ALA E 353 4.73 3.44 11.54
N ASP E 354 3.97 2.50 10.96
CA ASP E 354 4.55 1.25 10.49
C ASP E 354 5.30 1.43 9.17
N LEU E 355 4.79 2.28 8.28
CA LEU E 355 5.38 2.44 6.96
C LEU E 355 6.84 2.85 7.08
N GLN E 356 7.70 2.19 6.32
CA GLN E 356 9.13 2.44 6.39
C GLN E 356 9.45 3.85 5.94
N GLY E 357 10.34 4.51 6.68
CA GLY E 357 10.81 5.84 6.30
C GLY E 357 9.73 6.89 6.26
N HIS E 358 8.73 6.80 7.13
CA HIS E 358 7.71 7.83 7.21
C HIS E 358 8.32 9.13 7.72
N LEU E 359 7.76 10.24 7.25
CA LEU E 359 8.24 11.54 7.70
C LEU E 359 8.02 11.70 9.19
N ALA E 360 8.97 12.37 9.86
CA ALA E 360 8.87 12.56 11.29
C ALA E 360 7.68 13.44 11.64
N ASN E 361 7.28 13.39 12.90
CA ASN E 361 6.14 14.17 13.35
C ASN E 361 6.44 15.66 13.22
N GLY E 362 5.39 16.45 12.94
CA GLY E 362 5.59 17.86 12.71
C GLY E 362 6.09 18.61 13.93
N ASN E 363 5.54 18.30 15.10
CA ASN E 363 5.92 18.97 16.34
C ASN E 363 7.05 18.28 17.07
N GLY E 364 7.61 17.21 16.51
CA GLY E 364 8.70 16.49 17.14
C GLY E 364 8.28 15.47 18.17
N GLY E 365 6.99 15.30 18.41
CA GLY E 365 6.54 14.32 19.39
C GLY E 365 6.80 12.91 18.94
N ALA E 366 6.82 12.00 19.92
CA ALA E 366 7.08 10.60 19.62
C ALA E 366 5.99 10.01 18.76
N ASP E 367 6.37 9.06 17.90
CA ASP E 367 5.45 8.38 17.01
C ASP E 367 5.06 7.04 17.63
N ARG E 368 3.76 6.84 17.85
CA ARG E 368 3.28 5.63 18.49
C ARG E 368 3.23 4.49 17.48
N PRO E 369 3.93 3.39 17.71
CA PRO E 369 3.83 2.25 16.79
C PRO E 369 2.55 1.46 17.01
N THR E 370 2.23 0.62 16.03
CA THR E 370 1.01 -0.17 16.05
C THR E 370 1.35 -1.58 16.54
N GLY E 371 1.55 -1.69 17.86
CA GLY E 371 1.76 -2.98 18.49
C GLY E 371 0.45 -3.67 18.83
N LYS E 372 0.59 -4.84 19.46
CA LYS E 372 -0.59 -5.59 19.89
C LYS E 372 -1.37 -4.77 20.90
N ARG E 373 -2.69 -4.72 20.72
CA ARG E 373 -3.58 -3.96 21.59
C ARG E 373 -4.57 -4.90 22.25
N ALA E 374 -4.71 -4.78 23.57
CA ALA E 374 -5.65 -5.60 24.32
C ALA E 374 -6.00 -4.87 25.61
N ALA E 375 -7.09 -5.31 26.24
CA ALA E 375 -7.52 -4.73 27.50
C ALA E 375 -6.86 -5.46 28.65
N PRO E 376 -6.02 -4.81 29.45
CA PRO E 376 -5.40 -5.51 30.59
C PRO E 376 -6.44 -6.06 31.56
N SER E 377 -7.54 -5.34 31.76
CA SER E 377 -8.64 -5.81 32.58
C SER E 377 -9.95 -5.39 31.94
N GLU E 378 -10.96 -6.26 32.03
CA GLU E 378 -12.25 -5.95 31.43
C GLU E 378 -12.86 -4.75 32.15
N ARG E 379 -12.90 -3.60 31.46
CA ARG E 379 -13.41 -2.38 32.06
C ARG E 379 -14.90 -2.51 32.32
N PRO E 380 -15.42 -1.75 33.29
CA PRO E 380 -16.88 -1.77 33.50
C PRO E 380 -17.67 -1.34 32.27
N GLN E 381 -17.08 -0.52 31.41
CA GLN E 381 -17.81 0.01 30.26
C GLN E 381 -18.22 -1.11 29.30
N ASP E 382 -17.26 -1.93 28.88
CA ASP E 382 -17.56 -2.97 27.91
C ASP E 382 -18.39 -4.09 28.52
N SER E 383 -18.26 -4.31 29.83
CA SER E 383 -19.05 -5.35 30.48
C SER E 383 -20.51 -4.97 30.57
N ASP E 384 -20.81 -3.74 30.98
CA ASP E 384 -22.17 -3.27 31.16
C ASP E 384 -22.49 -2.20 30.12
N TYR E 385 -23.63 -2.35 29.44
CA TYR E 385 -23.99 -1.42 28.38
C TYR E 385 -24.43 -0.07 28.93
N GLN E 386 -25.23 -0.08 30.01
CA GLN E 386 -25.72 1.17 30.57
C GLN E 386 -24.58 2.07 31.01
N LEU E 387 -23.57 1.48 31.68
CA LEU E 387 -22.44 2.28 32.15
C LEU E 387 -21.66 2.85 30.96
N SER E 388 -21.49 2.06 29.90
CA SER E 388 -20.81 2.57 28.70
C SER E 388 -21.59 3.73 28.10
N GLN E 389 -22.91 3.60 28.01
CA GLN E 389 -23.72 4.71 27.48
C GLN E 389 -23.57 5.95 28.35
N ALA E 390 -23.58 5.79 29.67
CA ALA E 390 -23.43 6.94 30.56
C ALA E 390 -22.08 7.60 30.36
N LEU E 391 -21.02 6.81 30.29
CA LEU E 391 -19.68 7.40 30.12
C LEU E 391 -19.56 8.10 28.78
N SER E 392 -20.10 7.51 27.71
CA SER E 392 -20.05 8.15 26.41
C SER E 392 -20.82 9.46 26.40
N LEU E 393 -22.00 9.48 27.02
CA LEU E 393 -22.76 10.72 27.11
C LEU E 393 -22.00 11.77 27.90
N LEU E 394 -21.34 11.37 28.99
CA LEU E 394 -20.55 12.31 29.77
C LEU E 394 -19.43 12.89 28.92
N LYS E 395 -18.74 12.04 28.15
CA LYS E 395 -17.65 12.53 27.31
C LYS E 395 -18.17 13.50 26.26
N GLY E 396 -19.30 13.18 25.62
CA GLY E 396 -19.87 14.09 24.64
C GLY E 396 -20.26 15.42 25.25
N LEU E 397 -20.91 15.37 26.41
CA LEU E 397 -21.31 16.60 27.10
C LEU E 397 -20.09 17.45 27.42
N SER E 398 -19.02 16.83 27.94
CA SER E 398 -17.82 17.58 28.29
C SER E 398 -17.17 18.19 27.05
N VAL E 399 -17.07 17.42 25.96
CA VAL E 399 -16.37 17.94 24.79
C VAL E 399 -17.14 19.10 24.17
N THR E 400 -18.47 18.98 24.05
CA THR E 400 -19.23 20.08 23.47
C THR E 400 -19.53 21.15 24.51
N ARG E 401 -20.25 20.79 25.56
CA ARG E 401 -20.60 21.74 26.62
C ARG E 401 -19.51 21.76 27.68
N GLY E 402 -19.17 22.95 28.16
CA GLY E 402 -18.18 23.07 29.20
C GLY E 402 -18.56 22.26 30.43
N ASN E 403 -17.66 21.38 30.86
CA ASN E 403 -17.94 20.49 31.97
C ASN E 403 -19.24 19.71 31.74
N TYR F 385 -14.07 -45.64 -6.89
CA TYR F 385 -12.67 -45.42 -6.50
C TYR F 385 -11.74 -46.41 -7.20
N GLN F 386 -11.93 -47.70 -6.92
CA GLN F 386 -11.04 -48.71 -7.48
C GLN F 386 -11.00 -48.62 -9.00
N LEU F 387 -12.16 -48.60 -9.65
CA LEU F 387 -12.19 -48.51 -11.11
C LEU F 387 -11.59 -47.19 -11.59
N SER F 388 -11.96 -46.08 -10.94
CA SER F 388 -11.45 -44.78 -11.36
C SER F 388 -9.94 -44.70 -11.19
N GLN F 389 -9.41 -45.18 -10.06
CA GLN F 389 -7.97 -45.15 -9.86
C GLN F 389 -7.25 -46.00 -10.90
N ALA F 390 -7.79 -47.18 -11.20
CA ALA F 390 -7.23 -47.99 -12.26
C ALA F 390 -7.32 -47.30 -13.61
N LEU F 391 -8.36 -46.49 -13.82
CA LEU F 391 -8.49 -45.76 -15.07
C LEU F 391 -7.33 -44.79 -15.26
N SER F 392 -6.94 -44.08 -14.19
CA SER F 392 -5.76 -43.24 -14.27
C SER F 392 -4.53 -44.07 -14.62
N LEU F 393 -4.36 -45.21 -13.94
CA LEU F 393 -3.29 -46.13 -14.28
C LEU F 393 -3.53 -46.82 -15.62
N LEU F 394 -4.79 -46.87 -16.07
CA LEU F 394 -5.09 -47.49 -17.36
C LEU F 394 -4.44 -46.73 -18.51
N LYS F 395 -4.50 -45.41 -18.49
CA LYS F 395 -3.90 -44.57 -19.51
C LYS F 395 -2.70 -43.76 -19.01
N GLY F 396 -2.70 -43.37 -17.74
CA GLY F 396 -1.56 -42.63 -17.23
C GLY F 396 -0.27 -43.42 -17.32
N LEU F 397 -0.35 -44.74 -17.15
CA LEU F 397 0.82 -45.59 -17.33
C LEU F 397 1.29 -45.58 -18.78
N SER F 398 0.35 -45.73 -19.72
CA SER F 398 0.72 -45.83 -21.12
C SER F 398 1.41 -44.56 -21.62
N VAL F 399 0.89 -43.40 -21.24
CA VAL F 399 1.47 -42.14 -21.72
C VAL F 399 2.89 -41.98 -21.20
N THR F 400 3.14 -42.45 -19.97
CA THR F 400 4.50 -42.41 -19.44
C THR F 400 5.44 -43.23 -20.30
N ARG F 401 5.00 -44.40 -20.74
CA ARG F 401 5.80 -45.18 -21.68
C ARG F 401 5.76 -44.56 -23.08
N GLY F 402 4.65 -43.92 -23.44
CA GLY F 402 4.52 -43.31 -24.75
C GLY F 402 3.76 -44.20 -25.72
N ASN F 403 4.49 -44.84 -26.62
CA ASN F 403 3.89 -45.73 -27.60
C ASN F 403 3.88 -47.18 -27.11
#